data_8W3X
#
_entry.id   8W3X
#
_cell.length_a   142.610
_cell.length_b   140.110
_cell.length_c   87.840
_cell.angle_alpha   90.00
_cell.angle_beta   124.67
_cell.angle_gamma   90.00
#
_symmetry.space_group_name_H-M   'C 1 2 1'
#
loop_
_entity.id
_entity.type
_entity.pdbx_description
1 polymer 'Interleukin-1 receptor-associated kinase 4'
2 non-polymer 7-ethoxy-1-{[(2S)-5-oxopyrrolidin-2-yl]methoxy}isoquinoline-6-carboxamide
3 water water
#
_entity_poly.entity_id   1
_entity_poly.type   'polypeptide(L)'
_entity_poly.pdbx_seq_one_letter_code
;MHHHHHHGGENLYFQGENKSLEVSDTRFHSFSFYELKNVTNNFDERPISVGGNKMGEGGFGVVYKGYVNNTTVAVKKLAA
MVDITTEELKQQFDQEIKVMAKCQHENLVELLGFSSDGDDLCLVYVYMPNGSLLDRLSCLDGTPPLSWHMRCKIAQGAAN
GINFLHENHHIHRDIKSANILLDEAFTAKISDFGLARASEKFAQ(TPO)VM(TPO)(SEP)RIVGTTAYMAPEALRGEIT
PKSDIYSFGVVLLEIITGLPAVDEHREPQLLLDIKEEIEDEEKTIEDYIDKKMNDADSTSVEAMYSVASQCLHEKKNKRP
DIKKVQQLLQEMTAS
;
_entity_poly.pdbx_strand_id   A,B,C,D
#
loop_
_chem_comp.id
_chem_comp.type
_chem_comp.name
_chem_comp.formula
A1AFH non-polymer 7-ethoxy-1-{[(2S)-5-oxopyrrolidin-2-yl]methoxy}isoquinoline-6-carboxamide 'C17 H19 N3 O4'
#
# COMPACT_ATOMS: atom_id res chain seq x y z
N ASP A 25 -43.68 -19.83 -6.41
CA ASP A 25 -43.75 -20.67 -7.61
C ASP A 25 -43.38 -19.89 -8.88
N THR A 26 -42.09 -19.59 -8.99
CA THR A 26 -41.51 -18.87 -10.11
C THR A 26 -41.33 -19.79 -11.35
N ARG A 27 -41.42 -19.21 -12.54
CA ARG A 27 -41.14 -19.85 -13.81
C ARG A 27 -39.84 -19.19 -14.34
N PHE A 28 -38.75 -19.96 -14.58
CA PHE A 28 -37.44 -19.43 -15.00
C PHE A 28 -37.17 -19.33 -16.52
N HIS A 29 -36.06 -18.64 -16.89
CA HIS A 29 -35.58 -18.47 -18.26
C HIS A 29 -34.84 -19.71 -18.78
N SER A 30 -35.01 -20.06 -20.07
CA SER A 30 -34.30 -21.21 -20.64
C SER A 30 -33.22 -20.73 -21.62
N PHE A 31 -31.94 -20.94 -21.28
CA PHE A 31 -30.81 -20.54 -22.11
C PHE A 31 -30.38 -21.64 -23.03
N SER A 32 -29.80 -21.28 -24.19
CA SER A 32 -29.21 -22.24 -25.09
C SER A 32 -27.83 -22.60 -24.51
N PHE A 33 -27.42 -23.87 -24.63
CA PHE A 33 -26.13 -24.33 -24.17
C PHE A 33 -25.00 -23.59 -24.87
N TYR A 34 -25.11 -23.42 -26.20
CA TYR A 34 -24.08 -22.78 -27.00
C TYR A 34 -23.92 -21.30 -26.67
N GLU A 35 -24.97 -20.63 -26.18
CA GLU A 35 -24.81 -19.23 -25.76
C GLU A 35 -23.98 -19.20 -24.48
N LEU A 36 -24.27 -20.12 -23.54
CA LEU A 36 -23.50 -20.19 -22.30
C LEU A 36 -22.06 -20.61 -22.57
N LYS A 37 -21.84 -21.49 -23.55
CA LYS A 37 -20.51 -21.92 -23.96
C LYS A 37 -19.75 -20.72 -24.53
N ASN A 38 -20.39 -19.94 -25.39
CA ASN A 38 -19.81 -18.76 -26.01
C ASN A 38 -19.39 -17.67 -25.02
N VAL A 39 -20.27 -17.29 -24.07
CA VAL A 39 -20.00 -16.18 -23.17
C VAL A 39 -19.07 -16.53 -21.98
N THR A 40 -18.68 -17.81 -21.84
CA THR A 40 -17.71 -18.22 -20.83
C THR A 40 -16.39 -18.63 -21.50
N ASN A 41 -16.13 -18.18 -22.76
CA ASN A 41 -14.94 -18.51 -23.53
C ASN A 41 -14.73 -20.03 -23.62
N ASN A 42 -15.79 -20.74 -24.05
CA ASN A 42 -15.82 -22.20 -24.21
C ASN A 42 -15.55 -22.89 -22.89
N PHE A 43 -16.20 -22.43 -21.80
CA PHE A 43 -16.00 -22.95 -20.45
C PHE A 43 -14.52 -23.01 -20.08
N ASP A 44 -13.83 -21.89 -20.24
CA ASP A 44 -12.40 -21.78 -19.97
C ASP A 44 -12.16 -22.08 -18.48
N GLU A 45 -11.60 -23.29 -18.21
CA GLU A 45 -11.37 -23.77 -16.85
C GLU A 45 -10.18 -23.14 -16.13
N ARG A 46 -9.44 -22.24 -16.80
CA ARG A 46 -8.34 -21.54 -16.14
C ARG A 46 -8.93 -20.51 -15.17
N PRO A 47 -8.24 -20.24 -14.05
CA PRO A 47 -8.74 -19.23 -13.12
C PRO A 47 -8.83 -17.85 -13.76
N ILE A 48 -9.76 -17.01 -13.30
CA ILE A 48 -9.91 -15.65 -13.79
C ILE A 48 -8.61 -14.84 -13.61
N SER A 49 -7.84 -15.14 -12.54
CA SER A 49 -6.57 -14.46 -12.25
C SER A 49 -5.52 -14.64 -13.35
N VAL A 50 -5.67 -15.65 -14.24
CA VAL A 50 -4.72 -15.85 -15.34
C VAL A 50 -5.40 -15.70 -16.74
N GLY A 51 -6.55 -15.07 -16.81
CA GLY A 51 -7.23 -14.83 -18.07
C GLY A 51 -8.33 -15.80 -18.45
N GLY A 52 -8.62 -16.74 -17.57
CA GLY A 52 -9.69 -17.72 -17.79
C GLY A 52 -11.03 -17.25 -17.29
N ASN A 53 -11.95 -18.19 -17.05
CA ASN A 53 -13.31 -17.86 -16.59
C ASN A 53 -13.73 -18.57 -15.32
N LYS A 54 -12.92 -19.50 -14.79
CA LYS A 54 -13.29 -20.26 -13.60
C LYS A 54 -13.26 -19.44 -12.33
N MET A 55 -14.40 -19.36 -11.65
CA MET A 55 -14.55 -18.66 -10.37
C MET A 55 -14.47 -19.61 -9.15
N GLY A 56 -14.89 -20.85 -9.36
CA GLY A 56 -14.91 -21.83 -8.29
C GLY A 56 -15.41 -23.18 -8.72
N GLU A 57 -15.54 -24.08 -7.75
CA GLU A 57 -15.92 -25.47 -7.98
C GLU A 57 -16.61 -26.03 -6.75
N GLY A 58 -17.46 -27.01 -7.01
CA GLY A 58 -18.12 -27.82 -6.02
C GLY A 58 -17.89 -29.29 -6.35
N GLY A 59 -18.42 -30.18 -5.52
CA GLY A 59 -18.34 -31.61 -5.78
C GLY A 59 -19.21 -32.03 -6.97
N PHE A 60 -20.12 -31.15 -7.42
CA PHE A 60 -21.03 -31.48 -8.50
C PHE A 60 -20.95 -30.56 -9.74
N GLY A 61 -20.03 -29.62 -9.76
CA GLY A 61 -19.91 -28.70 -10.89
C GLY A 61 -18.82 -27.66 -10.80
N VAL A 62 -18.61 -26.94 -11.90
CA VAL A 62 -17.63 -25.87 -11.97
C VAL A 62 -18.38 -24.58 -12.30
N VAL A 63 -17.97 -23.47 -11.65
CA VAL A 63 -18.60 -22.16 -11.77
C VAL A 63 -17.76 -21.24 -12.62
N TYR A 64 -18.37 -20.71 -13.69
CA TYR A 64 -17.70 -19.85 -14.64
C TYR A 64 -18.31 -18.48 -14.69
N LYS A 65 -17.48 -17.47 -14.94
CA LYS A 65 -17.95 -16.12 -15.14
C LYS A 65 -18.34 -16.01 -16.63
N GLY A 66 -19.53 -15.46 -16.87
CA GLY A 66 -20.07 -15.23 -18.19
C GLY A 66 -20.70 -13.85 -18.32
N TYR A 67 -21.23 -13.55 -19.51
CA TYR A 67 -21.82 -12.24 -19.77
C TYR A 67 -23.00 -12.41 -20.70
N VAL A 68 -24.24 -12.48 -20.17
CA VAL A 68 -25.41 -12.66 -21.03
C VAL A 68 -26.35 -11.44 -20.97
N ASN A 69 -26.76 -10.92 -22.15
CA ASN A 69 -27.64 -9.75 -22.31
C ASN A 69 -27.09 -8.53 -21.55
N ASN A 70 -25.80 -8.19 -21.79
CA ASN A 70 -25.05 -7.11 -21.12
C ASN A 70 -24.93 -7.27 -19.58
N THR A 71 -25.49 -8.34 -19.02
CA THR A 71 -25.45 -8.59 -17.58
C THR A 71 -24.37 -9.61 -17.26
N THR A 72 -23.55 -9.34 -16.24
CA THR A 72 -22.58 -10.35 -15.79
C THR A 72 -23.35 -11.43 -15.03
N VAL A 73 -23.05 -12.69 -15.33
CA VAL A 73 -23.73 -13.83 -14.69
C VAL A 73 -22.68 -14.90 -14.28
N ALA A 74 -23.11 -15.86 -13.45
CA ALA A 74 -22.31 -17.02 -13.10
C ALA A 74 -23.00 -18.21 -13.73
N VAL A 75 -22.22 -19.08 -14.38
CA VAL A 75 -22.75 -20.27 -15.01
C VAL A 75 -22.17 -21.49 -14.28
N LYS A 76 -23.02 -22.33 -13.70
CA LYS A 76 -22.54 -23.55 -13.08
C LYS A 76 -22.81 -24.69 -14.05
N LYS A 77 -21.76 -25.36 -14.49
CA LYS A 77 -21.88 -26.49 -15.40
C LYS A 77 -21.72 -27.75 -14.60
N LEU A 78 -22.75 -28.58 -14.58
CA LEU A 78 -22.76 -29.81 -13.80
C LEU A 78 -21.90 -30.91 -14.47
N ALA A 79 -21.05 -31.57 -13.67
CA ALA A 79 -20.13 -32.60 -14.17
C ALA A 79 -20.40 -33.97 -13.55
N THR A 85 -23.73 -40.64 -10.17
CA THR A 85 -24.29 -41.07 -11.45
C THR A 85 -24.94 -39.90 -12.20
N THR A 86 -25.20 -40.08 -13.51
CA THR A 86 -25.87 -39.08 -14.35
C THR A 86 -27.31 -38.85 -13.86
N GLU A 87 -27.98 -39.93 -13.41
CA GLU A 87 -29.34 -39.89 -12.88
C GLU A 87 -29.43 -39.03 -11.60
N GLU A 88 -28.48 -39.22 -10.67
CA GLU A 88 -28.45 -38.47 -9.41
C GLU A 88 -28.14 -37.00 -9.65
N LEU A 89 -27.26 -36.71 -10.62
CA LEU A 89 -26.88 -35.35 -10.98
C LEU A 89 -28.08 -34.61 -11.61
N LYS A 90 -28.87 -35.31 -12.44
CA LYS A 90 -30.04 -34.73 -13.06
C LYS A 90 -31.10 -34.41 -11.98
N GLN A 91 -31.22 -35.27 -10.95
CA GLN A 91 -32.19 -35.02 -9.88
C GLN A 91 -31.80 -33.82 -9.05
N GLN A 92 -30.50 -33.60 -8.83
CA GLN A 92 -30.02 -32.44 -8.09
C GLN A 92 -30.23 -31.16 -8.89
N PHE A 93 -30.08 -31.23 -10.24
CA PHE A 93 -30.34 -30.13 -11.17
C PHE A 93 -31.82 -29.76 -11.07
N ASP A 94 -32.71 -30.76 -11.15
CA ASP A 94 -34.16 -30.53 -11.04
C ASP A 94 -34.54 -29.99 -9.65
N GLN A 95 -33.91 -30.50 -8.59
CA GLN A 95 -34.19 -30.09 -7.22
C GLN A 95 -33.78 -28.65 -7.01
N GLU A 96 -32.61 -28.24 -7.54
CA GLU A 96 -32.15 -26.86 -7.45
C GLU A 96 -33.20 -25.91 -8.07
N ILE A 97 -33.66 -26.22 -9.27
CA ILE A 97 -34.66 -25.41 -9.95
C ILE A 97 -35.97 -25.36 -9.15
N LYS A 98 -36.43 -26.50 -8.66
CA LYS A 98 -37.67 -26.62 -7.87
C LYS A 98 -37.60 -25.81 -6.56
N VAL A 99 -36.48 -25.93 -5.84
CA VAL A 99 -36.31 -25.20 -4.59
C VAL A 99 -36.19 -23.69 -4.83
N MET A 100 -35.47 -23.29 -5.91
CA MET A 100 -35.31 -21.89 -6.26
C MET A 100 -36.61 -21.25 -6.75
N ALA A 101 -37.48 -22.04 -7.40
CA ALA A 101 -38.78 -21.54 -7.83
C ALA A 101 -39.68 -21.21 -6.63
N LYS A 102 -39.52 -21.95 -5.52
CA LYS A 102 -40.33 -21.75 -4.33
C LYS A 102 -39.74 -20.76 -3.34
N CYS A 103 -38.41 -20.76 -3.17
CA CYS A 103 -37.67 -19.94 -2.20
C CYS A 103 -36.92 -18.76 -2.80
N GLN A 104 -37.41 -17.56 -2.54
CA GLN A 104 -36.79 -16.34 -3.05
C GLN A 104 -36.70 -15.34 -1.90
N HIS A 105 -35.48 -14.90 -1.56
CA HIS A 105 -35.28 -14.03 -0.40
C HIS A 105 -34.00 -13.21 -0.56
N GLU A 106 -33.91 -12.08 0.16
CA GLU A 106 -32.74 -11.20 0.18
C GLU A 106 -31.43 -11.96 0.46
N ASN A 107 -31.52 -13.07 1.23
CA ASN A 107 -30.31 -13.79 1.60
C ASN A 107 -30.18 -15.17 0.94
N LEU A 108 -30.84 -15.36 -0.21
CA LEU A 108 -30.70 -16.57 -1.00
C LEU A 108 -30.24 -16.15 -2.38
N VAL A 109 -29.25 -16.84 -2.97
CA VAL A 109 -28.77 -16.47 -4.29
C VAL A 109 -29.90 -16.65 -5.34
N GLU A 110 -29.98 -15.73 -6.30
CA GLU A 110 -31.03 -15.76 -7.29
C GLU A 110 -30.66 -16.53 -8.55
N LEU A 111 -31.50 -17.50 -8.93
CA LEU A 111 -31.32 -18.24 -10.17
C LEU A 111 -31.99 -17.43 -11.28
N LEU A 112 -31.27 -17.24 -12.40
CA LEU A 112 -31.81 -16.50 -13.54
C LEU A 112 -32.39 -17.43 -14.57
N GLY A 113 -31.74 -18.57 -14.77
CA GLY A 113 -32.20 -19.54 -15.75
C GLY A 113 -31.42 -20.82 -15.73
N PHE A 114 -31.66 -21.66 -16.72
CA PHE A 114 -31.02 -22.96 -16.79
C PHE A 114 -30.79 -23.34 -18.25
N SER A 115 -30.00 -24.38 -18.47
CA SER A 115 -29.78 -24.90 -19.80
C SER A 115 -29.75 -26.42 -19.74
N SER A 116 -30.50 -27.08 -20.61
CA SER A 116 -30.50 -28.54 -20.67
C SER A 116 -30.58 -29.10 -22.10
N ASP A 117 -30.58 -28.22 -23.14
CA ASP A 117 -30.67 -28.63 -24.54
C ASP A 117 -29.41 -29.31 -25.07
N GLY A 118 -28.24 -28.92 -24.56
CA GLY A 118 -26.98 -29.41 -25.10
C GLY A 118 -26.20 -30.38 -24.26
N ASP A 119 -24.87 -30.42 -24.52
CA ASP A 119 -23.88 -31.31 -23.89
C ASP A 119 -24.00 -31.46 -22.37
N ASP A 120 -24.00 -30.36 -21.60
CA ASP A 120 -24.05 -30.43 -20.15
C ASP A 120 -25.21 -29.61 -19.56
N LEU A 121 -25.65 -29.97 -18.33
CA LEU A 121 -26.68 -29.25 -17.61
C LEU A 121 -26.04 -28.00 -17.02
N CYS A 122 -26.62 -26.82 -17.27
CA CYS A 122 -26.09 -25.57 -16.71
C CYS A 122 -27.14 -24.83 -15.88
N LEU A 123 -26.70 -24.13 -14.84
CA LEU A 123 -27.57 -23.31 -14.02
C LEU A 123 -26.95 -21.90 -14.04
N VAL A 124 -27.75 -20.87 -14.32
CA VAL A 124 -27.24 -19.49 -14.43
C VAL A 124 -27.75 -18.65 -13.28
N TYR A 125 -26.87 -17.91 -12.60
CA TYR A 125 -27.24 -17.13 -11.44
C TYR A 125 -26.84 -15.68 -11.61
N VAL A 126 -27.38 -14.81 -10.72
CA VAL A 126 -26.93 -13.42 -10.60
C VAL A 126 -25.45 -13.47 -10.14
N TYR A 127 -24.61 -12.64 -10.73
CA TYR A 127 -23.18 -12.60 -10.42
C TYR A 127 -22.94 -12.07 -9.02
N MET A 128 -22.09 -12.76 -8.24
CA MET A 128 -21.71 -12.42 -6.85
C MET A 128 -20.26 -11.98 -6.92
N PRO A 129 -20.03 -10.65 -7.05
CA PRO A 129 -18.66 -10.17 -7.28
C PRO A 129 -17.64 -10.58 -6.22
N ASN A 130 -18.10 -10.84 -4.99
CA ASN A 130 -17.16 -11.16 -3.92
C ASN A 130 -17.06 -12.67 -3.62
N GLY A 131 -17.54 -13.53 -4.54
CA GLY A 131 -17.37 -14.97 -4.43
C GLY A 131 -17.98 -15.60 -3.21
N SER A 132 -17.31 -16.63 -2.64
CA SER A 132 -17.85 -17.30 -1.48
C SER A 132 -17.22 -16.77 -0.19
N LEU A 133 -17.92 -16.98 0.91
CA LEU A 133 -17.43 -16.64 2.24
C LEU A 133 -16.16 -17.48 2.53
N LEU A 134 -16.09 -18.75 2.07
CA LEU A 134 -14.91 -19.58 2.26
C LEU A 134 -13.67 -18.89 1.64
N ASP A 135 -13.81 -18.43 0.38
CA ASP A 135 -12.68 -17.79 -0.29
C ASP A 135 -12.32 -16.44 0.34
N ARG A 136 -13.32 -15.67 0.80
CA ARG A 136 -13.01 -14.38 1.43
C ARG A 136 -12.36 -14.56 2.81
N LEU A 137 -12.75 -15.63 3.55
CA LEU A 137 -12.10 -15.90 4.84
C LEU A 137 -10.67 -16.35 4.64
N SER A 138 -10.37 -17.08 3.55
CA SER A 138 -8.99 -17.50 3.28
C SER A 138 -8.18 -16.43 2.53
N CYS A 139 -8.85 -15.29 2.13
CA CYS A 139 -8.23 -14.21 1.36
C CYS A 139 -7.67 -14.76 0.07
N LEU A 140 -8.36 -15.74 -0.54
CA LEU A 140 -7.94 -16.35 -1.79
C LEU A 140 -7.72 -15.29 -2.87
N ASP A 141 -6.60 -15.43 -3.63
CA ASP A 141 -6.21 -14.50 -4.70
C ASP A 141 -5.83 -13.09 -4.21
N GLY A 142 -5.55 -12.93 -2.92
CA GLY A 142 -5.05 -11.67 -2.39
C GLY A 142 -6.09 -10.64 -2.00
N THR A 143 -7.34 -11.07 -1.84
CA THR A 143 -8.39 -10.14 -1.42
C THR A 143 -8.18 -9.70 0.04
N PRO A 144 -8.55 -8.47 0.38
CA PRO A 144 -8.38 -8.00 1.76
C PRO A 144 -9.27 -8.75 2.75
N PRO A 145 -8.76 -8.96 3.98
CA PRO A 145 -9.57 -9.67 4.99
C PRO A 145 -10.86 -8.94 5.33
N LEU A 146 -11.91 -9.70 5.63
CA LEU A 146 -13.19 -9.15 6.03
C LEU A 146 -13.06 -8.55 7.43
N SER A 147 -13.61 -7.34 7.64
CA SER A 147 -13.61 -6.73 8.98
C SER A 147 -14.59 -7.49 9.89
N TRP A 148 -14.51 -7.25 11.20
CA TRP A 148 -15.48 -7.83 12.14
C TRP A 148 -16.87 -7.26 11.84
N HIS A 149 -16.97 -5.97 11.49
CA HIS A 149 -18.24 -5.33 11.10
C HIS A 149 -18.88 -6.08 9.93
N MET A 150 -18.10 -6.40 8.89
CA MET A 150 -18.63 -7.15 7.74
C MET A 150 -19.03 -8.58 8.14
N ARG A 151 -18.19 -9.23 8.96
CA ARG A 151 -18.49 -10.59 9.42
C ARG A 151 -19.80 -10.66 10.20
N CYS A 152 -20.08 -9.65 11.04
CA CYS A 152 -21.35 -9.65 11.79
C CYS A 152 -22.53 -9.55 10.83
N LYS A 153 -22.47 -8.69 9.81
CA LYS A 153 -23.56 -8.55 8.82
C LYS A 153 -23.73 -9.85 8.03
N ILE A 154 -22.63 -10.51 7.71
CA ILE A 154 -22.68 -11.78 6.96
C ILE A 154 -23.33 -12.87 7.79
N ALA A 155 -22.97 -12.95 9.10
CA ALA A 155 -23.56 -13.98 9.97
C ALA A 155 -25.07 -13.76 10.12
N GLN A 156 -25.48 -12.49 10.28
CA GLN A 156 -26.89 -12.13 10.41
C GLN A 156 -27.66 -12.46 9.12
N GLY A 157 -27.09 -12.09 7.98
CA GLY A 157 -27.71 -12.37 6.67
C GLY A 157 -27.87 -13.84 6.39
N ALA A 158 -26.83 -14.64 6.67
CA ALA A 158 -26.89 -16.08 6.48
C ALA A 158 -27.97 -16.70 7.38
N ALA A 159 -28.07 -16.23 8.65
CA ALA A 159 -29.12 -16.74 9.56
C ALA A 159 -30.51 -16.37 9.04
N ASN A 160 -30.65 -15.17 8.45
CA ASN A 160 -31.94 -14.75 7.89
C ASN A 160 -32.35 -15.64 6.72
N GLY A 161 -31.38 -16.04 5.90
CA GLY A 161 -31.62 -16.92 4.76
C GLY A 161 -32.02 -18.31 5.21
N ILE A 162 -31.32 -18.87 6.22
CA ILE A 162 -31.70 -20.17 6.77
C ILE A 162 -33.09 -20.09 7.40
N ASN A 163 -33.41 -18.96 8.07
CA ASN A 163 -34.73 -18.79 8.68
C ASN A 163 -35.83 -18.86 7.61
N PHE A 164 -35.60 -18.19 6.47
CA PHE A 164 -36.56 -18.22 5.39
C PHE A 164 -36.77 -19.65 4.87
N LEU A 165 -35.68 -20.40 4.72
CA LEU A 165 -35.75 -21.79 4.27
C LEU A 165 -36.55 -22.65 5.26
N HIS A 166 -36.23 -22.57 6.57
CA HIS A 166 -36.94 -23.36 7.60
C HIS A 166 -38.41 -22.95 7.73
N GLU A 167 -38.72 -21.65 7.56
CA GLU A 167 -40.10 -21.15 7.58
C GLU A 167 -40.89 -21.76 6.40
N ASN A 168 -40.22 -21.94 5.26
CA ASN A 168 -40.80 -22.52 4.06
C ASN A 168 -40.62 -24.05 3.98
N HIS A 169 -40.39 -24.69 5.14
CA HIS A 169 -40.27 -26.13 5.31
C HIS A 169 -39.23 -26.80 4.42
N HIS A 170 -38.05 -26.19 4.29
CA HIS A 170 -36.96 -26.77 3.52
C HIS A 170 -35.75 -26.93 4.42
N ILE A 171 -35.06 -28.06 4.29
CA ILE A 171 -33.82 -28.33 5.00
C ILE A 171 -32.73 -28.21 3.92
N HIS A 172 -31.72 -27.39 4.13
CA HIS A 172 -30.67 -27.17 3.15
C HIS A 172 -29.79 -28.43 2.95
N ARG A 173 -29.30 -29.01 4.05
CA ARG A 173 -28.45 -30.23 4.10
C ARG A 173 -27.00 -30.02 3.69
N ASP A 174 -26.61 -28.79 3.31
CA ASP A 174 -25.21 -28.53 2.96
C ASP A 174 -24.79 -27.11 3.31
N ILE A 175 -25.14 -26.65 4.52
CA ILE A 175 -24.74 -25.35 4.98
C ILE A 175 -23.25 -25.38 5.25
N LYS A 176 -22.52 -24.46 4.64
CA LYS A 176 -21.07 -24.36 4.77
C LYS A 176 -20.63 -23.03 4.16
N SER A 177 -19.43 -22.57 4.50
CA SER A 177 -18.97 -21.26 3.99
C SER A 177 -18.80 -21.22 2.45
N ALA A 178 -18.54 -22.37 1.78
CA ALA A 178 -18.49 -22.38 0.30
C ALA A 178 -19.89 -22.15 -0.32
N ASN A 179 -20.97 -22.37 0.49
CA ASN A 179 -22.35 -22.17 0.08
C ASN A 179 -22.97 -20.90 0.65
N ILE A 180 -22.12 -19.89 0.99
CA ILE A 180 -22.59 -18.60 1.39
C ILE A 180 -21.85 -17.65 0.49
N LEU A 181 -22.54 -17.08 -0.47
CA LEU A 181 -21.92 -16.16 -1.45
C LEU A 181 -22.04 -14.72 -1.02
N LEU A 182 -21.24 -13.84 -1.62
CA LEU A 182 -21.17 -12.44 -1.19
C LEU A 182 -21.33 -11.50 -2.37
N ASP A 183 -22.37 -10.66 -2.33
CA ASP A 183 -22.69 -9.79 -3.44
C ASP A 183 -21.87 -8.47 -3.44
N GLU A 184 -22.24 -7.51 -4.30
CA GLU A 184 -21.58 -6.19 -4.45
C GLU A 184 -21.54 -5.39 -3.14
N ALA A 185 -22.37 -5.72 -2.16
CA ALA A 185 -22.36 -5.04 -0.85
C ALA A 185 -21.95 -5.99 0.29
N PHE A 186 -21.37 -7.16 -0.04
CA PHE A 186 -21.03 -8.22 0.91
C PHE A 186 -22.25 -8.72 1.68
N THR A 187 -23.41 -8.73 1.05
CA THR A 187 -24.63 -9.32 1.62
C THR A 187 -24.50 -10.83 1.39
N ALA A 188 -24.82 -11.62 2.43
CA ALA A 188 -24.77 -13.07 2.41
C ALA A 188 -25.89 -13.63 1.58
N LYS A 189 -25.56 -14.54 0.67
CA LYS A 189 -26.53 -15.21 -0.21
C LYS A 189 -26.26 -16.71 -0.15
N ILE A 190 -27.14 -17.46 0.54
CA ILE A 190 -26.99 -18.93 0.60
C ILE A 190 -27.18 -19.51 -0.79
N SER A 191 -26.35 -20.47 -1.13
CA SER A 191 -26.40 -21.12 -2.42
C SER A 191 -26.41 -22.66 -2.29
N ASP A 192 -26.54 -23.32 -3.45
CA ASP A 192 -26.53 -24.77 -3.67
C ASP A 192 -27.66 -25.49 -2.96
N PHE A 193 -28.79 -25.54 -3.64
CA PHE A 193 -30.00 -26.18 -3.15
C PHE A 193 -30.24 -27.58 -3.75
N GLY A 194 -29.23 -28.17 -4.40
CA GLY A 194 -29.35 -29.48 -5.04
C GLY A 194 -29.68 -30.62 -4.10
N LEU A 195 -29.27 -30.49 -2.82
CA LEU A 195 -29.56 -31.51 -1.79
C LEU A 195 -30.71 -31.13 -0.86
N ALA A 196 -31.31 -29.92 -1.03
CA ALA A 196 -32.40 -29.47 -0.17
C ALA A 196 -33.59 -30.42 -0.17
N ARG A 197 -34.26 -30.56 0.99
CA ARG A 197 -35.42 -31.44 1.13
C ARG A 197 -36.57 -30.68 1.70
N ALA A 198 -37.74 -30.75 1.05
CA ALA A 198 -38.93 -30.08 1.56
C ALA A 198 -39.76 -31.06 2.39
N SER A 199 -40.30 -30.58 3.51
CA SER A 199 -41.09 -31.33 4.46
C SER A 199 -42.12 -30.41 5.08
N TPO A 205 -35.53 -37.29 12.46
CA TPO A 205 -36.99 -37.31 12.33
CB TPO A 205 -37.39 -35.84 12.21
CG2 TPO A 205 -38.89 -35.63 11.92
OG1 TPO A 205 -36.85 -35.08 13.40
P TPO A 205 -37.15 -35.42 14.93
O1P TPO A 205 -38.62 -35.71 15.24
O2P TPO A 205 -36.65 -34.19 15.72
O3P TPO A 205 -36.35 -36.60 15.48
C TPO A 205 -37.41 -38.23 11.19
O TPO A 205 -38.30 -39.05 11.35
N VAL A 206 -36.73 -38.12 10.06
CA VAL A 206 -36.93 -38.97 8.89
C VAL A 206 -35.53 -39.53 8.51
N MET A 207 -35.42 -40.78 8.04
CA MET A 207 -34.12 -41.33 7.67
C MET A 207 -33.96 -41.47 6.16
N TPO A 208 -32.73 -41.38 5.68
CA TPO A 208 -32.44 -41.57 4.28
CB TPO A 208 -31.93 -40.29 3.54
CG2 TPO A 208 -30.63 -39.75 4.17
OG1 TPO A 208 -31.67 -40.52 2.16
P TPO A 208 -32.90 -40.56 1.20
O1P TPO A 208 -33.20 -41.99 1.06
O2P TPO A 208 -34.20 -39.86 1.65
O3P TPO A 208 -32.37 -39.92 -0.07
C TPO A 208 -31.40 -42.66 4.14
O TPO A 208 -30.61 -42.89 5.07
N SEP A 209 -31.40 -43.35 3.01
CA SEP A 209 -30.40 -44.38 2.76
CB SEP A 209 -31.03 -45.62 2.12
OG SEP A 209 -31.55 -45.20 0.83
C SEP A 209 -29.24 -43.82 1.93
O SEP A 209 -28.29 -44.54 1.65
P SEP A 209 -32.10 -46.41 0.05
O1P SEP A 209 -32.56 -45.89 -1.30
O2P SEP A 209 -33.29 -47.00 0.82
O3P SEP A 209 -31.04 -47.48 -0.20
N ARG A 210 -29.30 -42.54 1.53
CA ARG A 210 -28.25 -41.89 0.76
C ARG A 210 -27.74 -40.72 1.59
N ILE A 211 -26.72 -40.96 2.40
CA ILE A 211 -26.17 -39.92 3.27
C ILE A 211 -25.34 -38.94 2.46
N VAL A 212 -25.78 -37.68 2.44
CA VAL A 212 -25.09 -36.62 1.69
C VAL A 212 -24.78 -35.42 2.59
N GLY A 213 -23.84 -34.61 2.14
CA GLY A 213 -23.39 -33.43 2.87
C GLY A 213 -21.87 -33.37 2.93
N THR A 214 -21.34 -32.39 3.65
CA THR A 214 -19.89 -32.21 3.78
C THR A 214 -19.49 -32.60 5.19
N THR A 215 -18.74 -33.69 5.30
CA THR A 215 -18.35 -34.31 6.58
C THR A 215 -17.95 -33.34 7.72
N ALA A 216 -17.04 -32.39 7.42
CA ALA A 216 -16.52 -31.44 8.44
C ALA A 216 -17.60 -30.49 9.03
N TYR A 217 -18.77 -30.39 8.37
CA TYR A 217 -19.85 -29.53 8.85
C TYR A 217 -21.05 -30.32 9.37
N MET A 218 -21.07 -31.64 9.21
CA MET A 218 -22.26 -32.43 9.52
C MET A 218 -22.48 -32.72 10.97
N ALA A 219 -23.71 -32.61 11.39
CA ALA A 219 -24.16 -32.99 12.73
C ALA A 219 -24.05 -34.51 12.86
N PRO A 220 -23.85 -35.02 14.09
CA PRO A 220 -23.77 -36.47 14.26
C PRO A 220 -24.96 -37.24 13.69
N GLU A 221 -26.19 -36.72 13.89
CA GLU A 221 -27.39 -37.41 13.41
C GLU A 221 -27.47 -37.41 11.89
N ALA A 222 -26.95 -36.37 11.23
CA ALA A 222 -26.91 -36.29 9.77
C ALA A 222 -25.92 -37.33 9.22
N LEU A 223 -24.78 -37.53 9.91
CA LEU A 223 -23.81 -38.57 9.52
C LEU A 223 -24.43 -39.99 9.60
N ARG A 224 -25.48 -40.16 10.42
CA ARG A 224 -26.18 -41.42 10.58
C ARG A 224 -27.37 -41.61 9.65
N GLY A 225 -27.71 -40.60 8.85
CA GLY A 225 -28.81 -40.71 7.92
C GLY A 225 -30.07 -39.96 8.29
N GLU A 226 -30.08 -39.26 9.45
CA GLU A 226 -31.29 -38.51 9.83
C GLU A 226 -31.41 -37.24 9.00
N ILE A 227 -32.65 -36.85 8.67
CA ILE A 227 -32.94 -35.63 7.94
C ILE A 227 -33.80 -34.75 8.84
N THR A 228 -33.24 -33.62 9.30
CA THR A 228 -33.90 -32.70 10.22
C THR A 228 -33.32 -31.28 10.09
N PRO A 229 -34.15 -30.23 10.23
CA PRO A 229 -33.60 -28.87 10.18
C PRO A 229 -32.60 -28.58 11.32
N LYS A 230 -32.63 -29.38 12.40
CA LYS A 230 -31.67 -29.23 13.50
C LYS A 230 -30.23 -29.46 13.01
N SER A 231 -30.05 -30.26 11.94
CA SER A 231 -28.71 -30.50 11.38
C SER A 231 -28.18 -29.25 10.69
N ASP A 232 -29.05 -28.45 10.04
CA ASP A 232 -28.61 -27.19 9.44
C ASP A 232 -28.08 -26.23 10.52
N ILE A 233 -28.67 -26.26 11.73
CA ILE A 233 -28.24 -25.39 12.83
C ILE A 233 -26.82 -25.76 13.24
N TYR A 234 -26.55 -27.05 13.37
CA TYR A 234 -25.21 -27.53 13.72
C TYR A 234 -24.18 -27.07 12.67
N SER A 235 -24.46 -27.27 11.37
CA SER A 235 -23.57 -26.84 10.30
C SER A 235 -23.35 -25.32 10.34
N PHE A 236 -24.40 -24.54 10.65
CA PHE A 236 -24.28 -23.09 10.80
C PHE A 236 -23.32 -22.74 11.96
N GLY A 237 -23.30 -23.57 13.02
CA GLY A 237 -22.38 -23.37 14.13
C GLY A 237 -20.93 -23.48 13.69
N VAL A 238 -20.64 -24.43 12.78
CA VAL A 238 -19.29 -24.58 12.24
C VAL A 238 -18.95 -23.32 11.40
N VAL A 239 -19.92 -22.84 10.59
CA VAL A 239 -19.70 -21.59 9.83
C VAL A 239 -19.37 -20.41 10.77
N LEU A 240 -20.08 -20.29 11.89
CA LEU A 240 -19.78 -19.21 12.85
C LEU A 240 -18.34 -19.33 13.41
N LEU A 241 -17.86 -20.57 13.66
CA LEU A 241 -16.46 -20.72 14.11
C LEU A 241 -15.50 -20.29 12.99
N GLU A 242 -15.83 -20.60 11.71
CA GLU A 242 -14.98 -20.15 10.59
C GLU A 242 -14.95 -18.63 10.54
N ILE A 243 -16.09 -17.97 10.77
CA ILE A 243 -16.15 -16.50 10.75
C ILE A 243 -15.30 -15.88 11.88
N ILE A 244 -15.38 -16.45 13.08
CA ILE A 244 -14.62 -15.90 14.22
C ILE A 244 -13.09 -16.10 14.04
N THR A 245 -12.69 -17.30 13.57
CA THR A 245 -11.29 -17.70 13.54
C THR A 245 -10.57 -17.52 12.24
N GLY A 246 -11.32 -17.46 11.15
CA GLY A 246 -10.74 -17.45 9.81
C GLY A 246 -10.14 -18.80 9.39
N LEU A 247 -10.34 -19.86 10.19
CA LEU A 247 -9.79 -21.17 9.91
C LEU A 247 -10.78 -22.02 9.09
N PRO A 248 -10.25 -22.89 8.20
CA PRO A 248 -11.14 -23.80 7.47
C PRO A 248 -11.71 -24.88 8.41
N ALA A 249 -12.91 -25.39 8.08
CA ALA A 249 -13.57 -26.43 8.86
C ALA A 249 -12.72 -27.70 9.06
N VAL A 250 -11.85 -28.03 8.09
CA VAL A 250 -10.94 -29.17 8.20
C VAL A 250 -9.56 -28.79 7.63
N ASP A 251 -8.50 -29.23 8.30
CA ASP A 251 -7.12 -29.03 7.88
C ASP A 251 -6.37 -30.26 8.41
N GLU A 252 -5.98 -31.18 7.52
CA GLU A 252 -5.30 -32.40 7.95
C GLU A 252 -3.91 -32.14 8.56
N HIS A 253 -3.33 -30.96 8.32
CA HIS A 253 -2.04 -30.62 8.91
C HIS A 253 -2.17 -29.72 10.14
N ARG A 254 -3.36 -29.68 10.77
CA ARG A 254 -3.60 -28.86 11.95
C ARG A 254 -4.06 -29.72 13.13
N GLU A 255 -3.82 -29.24 14.36
CA GLU A 255 -4.29 -29.91 15.57
C GLU A 255 -5.17 -28.87 16.26
N PRO A 256 -6.50 -29.09 16.38
CA PRO A 256 -7.26 -30.26 15.92
C PRO A 256 -7.55 -30.15 14.42
N GLN A 257 -7.70 -31.32 13.76
CA GLN A 257 -7.98 -31.33 12.32
C GLN A 257 -9.34 -30.73 12.01
N LEU A 258 -10.33 -31.03 12.85
CA LEU A 258 -11.69 -30.54 12.65
C LEU A 258 -11.93 -29.33 13.51
N LEU A 259 -12.33 -28.20 12.89
CA LEU A 259 -12.57 -26.94 13.60
C LEU A 259 -13.60 -27.10 14.73
N LEU A 260 -14.64 -27.93 14.51
CA LEU A 260 -15.67 -28.11 15.53
C LEU A 260 -15.10 -28.61 16.89
N ASP A 261 -13.94 -29.27 16.87
CA ASP A 261 -13.29 -29.73 18.11
C ASP A 261 -12.77 -28.58 19.01
N ILE A 262 -12.62 -27.33 18.49
CA ILE A 262 -12.17 -26.23 19.36
C ILE A 262 -13.18 -25.91 20.44
N LYS A 263 -14.49 -26.24 20.23
CA LYS A 263 -15.53 -26.01 21.25
C LYS A 263 -15.17 -26.77 22.54
N GLU A 264 -14.73 -28.02 22.38
CA GLU A 264 -14.33 -28.84 23.53
C GLU A 264 -13.05 -28.34 24.18
N GLU A 265 -12.09 -27.83 23.39
CA GLU A 265 -10.86 -27.28 23.96
C GLU A 265 -11.18 -26.06 24.83
N ILE A 266 -12.15 -25.22 24.38
CA ILE A 266 -12.56 -24.03 25.11
C ILE A 266 -13.36 -24.40 26.36
N GLU A 267 -14.27 -25.38 26.24
CA GLU A 267 -15.07 -25.87 27.38
C GLU A 267 -14.23 -26.52 28.46
N ASP A 268 -13.23 -27.31 28.06
CA ASP A 268 -12.33 -27.95 29.03
C ASP A 268 -11.25 -26.99 29.57
N GLU A 269 -11.34 -25.67 29.25
CA GLU A 269 -10.43 -24.61 29.65
C GLU A 269 -8.99 -24.84 29.17
N GLU A 270 -8.78 -25.69 28.18
CA GLU A 270 -7.44 -25.89 27.59
C GLU A 270 -7.06 -24.66 26.74
N LYS A 271 -8.07 -23.90 26.24
CA LYS A 271 -7.90 -22.71 25.44
C LYS A 271 -9.09 -21.74 25.62
N THR A 272 -8.96 -20.51 25.13
CA THR A 272 -10.04 -19.52 25.18
C THR A 272 -10.42 -19.13 23.73
N ILE A 273 -11.59 -18.49 23.53
CA ILE A 273 -11.95 -18.04 22.18
C ILE A 273 -10.95 -16.95 21.70
N GLU A 274 -10.36 -16.17 22.64
CA GLU A 274 -9.35 -15.17 22.29
C GLU A 274 -8.11 -15.80 21.65
N ASP A 275 -7.76 -17.03 22.06
CA ASP A 275 -6.62 -17.74 21.44
C ASP A 275 -6.87 -18.08 19.98
N TYR A 276 -8.16 -18.17 19.57
CA TYR A 276 -8.53 -18.56 18.22
C TYR A 276 -9.05 -17.43 17.35
N ILE A 277 -9.32 -16.22 17.91
CA ILE A 277 -9.83 -15.09 17.11
C ILE A 277 -8.93 -14.79 15.91
N ASP A 278 -9.51 -14.60 14.72
CA ASP A 278 -8.76 -14.27 13.52
C ASP A 278 -7.91 -13.00 13.76
N LYS A 279 -6.60 -13.10 13.59
CA LYS A 279 -5.73 -11.92 13.76
C LYS A 279 -5.84 -10.94 12.57
N LYS A 280 -6.49 -11.35 11.47
CA LYS A 280 -6.63 -10.54 10.26
C LYS A 280 -7.79 -9.55 10.33
N MET A 281 -8.10 -9.07 11.53
CA MET A 281 -9.13 -8.04 11.76
C MET A 281 -8.53 -7.01 12.70
N ASN A 282 -8.97 -5.74 12.62
CA ASN A 282 -8.52 -4.73 13.60
C ASN A 282 -9.70 -4.16 14.46
N ASP A 283 -10.95 -4.59 14.14
CA ASP A 283 -12.14 -4.00 14.78
C ASP A 283 -12.96 -4.98 15.61
N ALA A 284 -12.41 -6.15 15.98
CA ALA A 284 -13.19 -7.06 16.80
C ALA A 284 -13.15 -6.56 18.25
N ASP A 285 -14.24 -6.79 18.96
CA ASP A 285 -14.28 -6.45 20.39
C ASP A 285 -14.62 -7.75 21.12
N SER A 286 -14.04 -7.96 22.30
CA SER A 286 -14.25 -9.21 23.05
C SER A 286 -15.71 -9.54 23.30
N THR A 287 -16.53 -8.55 23.66
CA THR A 287 -17.93 -8.75 23.98
C THR A 287 -18.74 -9.34 22.82
N SER A 288 -18.69 -8.73 21.62
CA SER A 288 -19.45 -9.24 20.50
C SER A 288 -18.88 -10.54 19.94
N VAL A 289 -17.57 -10.74 20.04
CA VAL A 289 -16.95 -12.00 19.63
C VAL A 289 -17.44 -13.12 20.57
N GLU A 290 -17.45 -12.87 21.89
CA GLU A 290 -17.94 -13.85 22.86
C GLU A 290 -19.43 -14.14 22.62
N ALA A 291 -20.21 -13.14 22.20
CA ALA A 291 -21.63 -13.34 21.89
C ALA A 291 -21.80 -14.24 20.65
N MET A 292 -20.97 -14.03 19.59
CA MET A 292 -21.07 -14.90 18.42
C MET A 292 -20.62 -16.32 18.80
N TYR A 293 -19.55 -16.43 19.61
CA TYR A 293 -19.06 -17.75 20.04
C TYR A 293 -20.13 -18.50 20.83
N SER A 294 -20.86 -17.78 21.72
CA SER A 294 -21.91 -18.40 22.51
C SER A 294 -23.02 -18.98 21.60
N VAL A 295 -23.37 -18.26 20.53
CA VAL A 295 -24.35 -18.76 19.56
C VAL A 295 -23.79 -20.03 18.87
N ALA A 296 -22.53 -19.97 18.42
CA ALA A 296 -21.89 -21.12 17.76
C ALA A 296 -21.86 -22.36 18.68
N SER A 297 -21.48 -22.16 19.95
CA SER A 297 -21.42 -23.23 20.94
C SER A 297 -22.78 -23.89 21.12
N GLN A 298 -23.85 -23.07 21.19
CA GLN A 298 -25.21 -23.57 21.34
C GLN A 298 -25.65 -24.37 20.12
N CYS A 299 -25.31 -23.88 18.90
CA CYS A 299 -25.61 -24.58 17.64
C CYS A 299 -24.93 -25.95 17.59
N LEU A 300 -23.72 -26.05 18.15
CA LEU A 300 -22.89 -27.24 18.12
C LEU A 300 -23.15 -28.24 19.22
N HIS A 301 -24.32 -28.15 19.92
CA HIS A 301 -24.65 -29.16 20.94
C HIS A 301 -24.78 -30.53 20.22
N GLU A 302 -24.13 -31.56 20.76
CA GLU A 302 -24.15 -32.88 20.14
C GLU A 302 -25.57 -33.47 20.08
N LYS A 303 -26.40 -33.15 21.06
CA LYS A 303 -27.80 -33.59 21.12
C LYS A 303 -28.65 -32.60 20.34
N LYS A 304 -29.27 -33.05 19.24
CA LYS A 304 -30.03 -32.18 18.35
C LYS A 304 -31.17 -31.39 19.03
N ASN A 305 -31.83 -31.99 20.03
CA ASN A 305 -32.94 -31.33 20.71
C ASN A 305 -32.51 -30.22 21.68
N LYS A 306 -31.21 -30.14 22.02
CA LYS A 306 -30.67 -29.09 22.89
C LYS A 306 -30.18 -27.86 22.11
N ARG A 307 -30.13 -27.93 20.77
CA ARG A 307 -29.70 -26.81 19.95
C ARG A 307 -30.83 -25.79 19.85
N PRO A 308 -30.51 -24.49 19.71
CA PRO A 308 -31.58 -23.50 19.47
C PRO A 308 -32.17 -23.67 18.07
N ASP A 309 -33.40 -23.22 17.85
CA ASP A 309 -33.95 -23.22 16.48
C ASP A 309 -33.39 -21.97 15.73
N ILE A 310 -33.61 -21.87 14.42
CA ILE A 310 -33.06 -20.75 13.65
C ILE A 310 -33.60 -19.38 14.11
N LYS A 311 -34.84 -19.32 14.62
CA LYS A 311 -35.41 -18.06 15.10
C LYS A 311 -34.63 -17.54 16.28
N LYS A 312 -34.25 -18.43 17.20
CA LYS A 312 -33.46 -18.09 18.38
C LYS A 312 -32.06 -17.65 17.96
N VAL A 313 -31.45 -18.32 16.97
CA VAL A 313 -30.14 -17.96 16.45
C VAL A 313 -30.17 -16.52 15.86
N GLN A 314 -31.21 -16.21 15.07
CA GLN A 314 -31.42 -14.88 14.47
C GLN A 314 -31.48 -13.80 15.57
N GLN A 315 -32.26 -14.09 16.63
CA GLN A 315 -32.46 -13.18 17.76
C GLN A 315 -31.16 -12.92 18.48
N LEU A 316 -30.40 -13.99 18.78
CA LEU A 316 -29.11 -13.83 19.46
C LEU A 316 -28.10 -13.05 18.61
N LEU A 317 -28.06 -13.29 17.29
CA LEU A 317 -27.15 -12.55 16.40
C LEU A 317 -27.55 -11.07 16.28
N GLN A 318 -28.86 -10.78 16.38
CA GLN A 318 -29.31 -9.38 16.36
C GLN A 318 -28.92 -8.68 17.68
N GLU A 319 -29.09 -9.37 18.82
CA GLU A 319 -28.71 -8.80 20.13
C GLU A 319 -27.20 -8.54 20.24
N MET A 320 -26.39 -9.33 19.49
CA MET A 320 -24.95 -9.23 19.45
C MET A 320 -24.50 -7.83 18.96
N THR A 321 -25.24 -7.22 18.03
CA THR A 321 -24.87 -5.90 17.50
C THR A 321 -25.79 -4.76 17.96
N ALA A 322 -26.81 -5.05 18.78
CA ALA A 322 -27.75 -4.03 19.24
C ALA A 322 -27.13 -3.06 20.26
N SER A 323 -27.67 -1.84 20.30
CA SER A 323 -27.26 -0.76 21.19
C SER A 323 -28.39 0.26 21.28
N ASP B 25 39.83 -0.79 -6.20
CA ASP B 25 39.22 0.47 -5.77
C ASP B 25 40.22 1.57 -5.38
N THR B 26 41.51 1.40 -5.70
CA THR B 26 42.52 2.39 -5.32
C THR B 26 43.16 3.12 -6.50
N ARG B 27 42.63 2.95 -7.72
CA ARG B 27 43.16 3.61 -8.91
C ARG B 27 42.07 4.01 -9.92
N PHE B 28 42.33 5.06 -10.71
CA PHE B 28 41.42 5.50 -11.77
C PHE B 28 41.64 4.56 -12.96
N HIS B 29 40.54 4.02 -13.51
CA HIS B 29 40.65 3.06 -14.59
C HIS B 29 40.43 3.68 -15.95
N SER B 30 41.26 3.29 -16.91
CA SER B 30 41.10 3.73 -18.27
C SER B 30 40.30 2.62 -18.92
N PHE B 31 39.02 2.87 -19.19
CA PHE B 31 38.16 1.87 -19.79
C PHE B 31 38.16 1.93 -21.29
N SER B 32 37.94 0.78 -21.94
CA SER B 32 37.76 0.76 -23.38
C SER B 32 36.31 1.22 -23.63
N PHE B 33 36.09 1.95 -24.73
CA PHE B 33 34.76 2.42 -25.11
C PHE B 33 33.81 1.25 -25.30
N TYR B 34 34.30 0.15 -25.87
CA TYR B 34 33.48 -1.03 -26.13
C TYR B 34 33.02 -1.74 -24.88
N GLU B 35 33.80 -1.68 -23.78
CA GLU B 35 33.34 -2.29 -22.53
C GLU B 35 32.16 -1.47 -22.00
N LEU B 36 32.29 -0.13 -22.01
CA LEU B 36 31.20 0.74 -21.53
C LEU B 36 29.97 0.64 -22.44
N LYS B 37 30.19 0.42 -23.75
CA LYS B 37 29.09 0.23 -24.70
C LYS B 37 28.39 -1.10 -24.36
N ASN B 38 29.16 -2.16 -24.12
CA ASN B 38 28.61 -3.45 -23.78
C ASN B 38 27.82 -3.48 -22.45
N VAL B 39 28.38 -2.92 -21.38
CA VAL B 39 27.75 -2.98 -20.05
C VAL B 39 26.52 -2.04 -19.91
N THR B 40 26.33 -1.08 -20.83
CA THR B 40 25.16 -0.21 -20.81
C THR B 40 24.11 -0.64 -21.88
N ASN B 41 24.19 -1.89 -22.40
CA ASN B 41 23.31 -2.41 -23.44
C ASN B 41 23.31 -1.48 -24.67
N ASN B 42 24.51 -1.18 -25.17
CA ASN B 42 24.75 -0.30 -26.31
C ASN B 42 24.20 1.09 -26.06
N PHE B 43 24.45 1.64 -24.85
CA PHE B 43 23.94 2.95 -24.43
C PHE B 43 22.45 3.08 -24.68
N ASP B 44 21.72 2.11 -24.13
CA ASP B 44 20.27 2.02 -24.26
C ASP B 44 19.65 3.27 -23.63
N GLU B 45 19.21 4.21 -24.47
CA GLU B 45 18.64 5.49 -24.05
C GLU B 45 17.23 5.41 -23.48
N ARG B 46 16.61 4.23 -23.45
CA ARG B 46 15.30 4.09 -22.85
C ARG B 46 15.46 4.17 -21.33
N PRO B 47 14.49 4.77 -20.61
CA PRO B 47 14.62 4.83 -19.15
C PRO B 47 14.66 3.42 -18.53
N ILE B 48 15.30 3.29 -17.37
CA ILE B 48 15.40 2.01 -16.68
C ILE B 48 14.02 1.42 -16.35
N SER B 49 13.03 2.30 -16.11
CA SER B 49 11.65 1.89 -15.80
C SER B 49 10.99 1.07 -16.91
N VAL B 50 11.53 1.10 -18.15
CA VAL B 50 10.97 0.30 -19.24
C VAL B 50 11.99 -0.72 -19.83
N GLY B 51 13.04 -1.04 -19.07
CA GLY B 51 14.02 -2.04 -19.51
C GLY B 51 15.29 -1.49 -20.13
N GLY B 52 15.42 -0.17 -20.19
CA GLY B 52 16.60 0.47 -20.74
C GLY B 52 17.66 0.74 -19.68
N ASN B 53 18.59 1.64 -19.98
CA ASN B 53 19.71 1.92 -19.07
C ASN B 53 19.81 3.39 -18.64
N LYS B 54 18.96 4.27 -19.19
CA LYS B 54 19.04 5.70 -18.90
C LYS B 54 18.54 6.00 -17.50
N MET B 55 19.41 6.67 -16.75
CA MET B 55 19.18 7.14 -15.38
C MET B 55 18.88 8.63 -15.34
N GLY B 56 19.50 9.41 -16.23
CA GLY B 56 19.30 10.85 -16.24
C GLY B 56 20.03 11.55 -17.37
N GLU B 57 20.06 12.88 -17.31
CA GLU B 57 20.67 13.75 -18.34
C GLU B 57 21.08 15.07 -17.70
N GLY B 58 22.04 15.78 -18.31
CA GLY B 58 22.49 17.05 -17.77
C GLY B 58 22.61 18.23 -18.72
N GLY B 59 22.65 17.94 -20.02
CA GLY B 59 22.82 19.00 -21.02
C GLY B 59 24.05 18.69 -21.82
N PHE B 60 25.18 18.48 -21.11
CA PHE B 60 26.41 18.07 -21.79
C PHE B 60 26.53 16.54 -21.92
N GLY B 61 25.54 15.76 -21.48
CA GLY B 61 25.61 14.30 -21.58
C GLY B 61 24.45 13.53 -20.97
N VAL B 62 24.43 12.22 -21.25
CA VAL B 62 23.39 11.31 -20.76
C VAL B 62 24.03 10.26 -19.82
N VAL B 63 23.34 9.94 -18.71
CA VAL B 63 23.82 9.05 -17.65
C VAL B 63 23.18 7.68 -17.75
N TYR B 64 24.01 6.63 -17.87
CA TYR B 64 23.55 5.27 -18.02
C TYR B 64 23.96 4.39 -16.86
N LYS B 65 23.14 3.41 -16.55
CA LYS B 65 23.47 2.41 -15.55
C LYS B 65 24.24 1.29 -16.28
N GLY B 66 25.30 0.81 -15.63
CA GLY B 66 26.13 -0.27 -16.17
C GLY B 66 26.66 -1.21 -15.08
N TYR B 67 27.30 -2.32 -15.48
CA TYR B 67 27.83 -3.30 -14.53
C TYR B 67 29.18 -3.77 -15.01
N VAL B 68 30.25 -3.50 -14.25
CA VAL B 68 31.60 -3.89 -14.61
C VAL B 68 32.16 -4.72 -13.48
N ASN B 69 32.57 -5.98 -13.74
CA ASN B 69 33.14 -6.85 -12.70
C ASN B 69 32.25 -6.97 -11.46
N ASN B 70 30.94 -7.26 -11.67
CA ASN B 70 29.90 -7.38 -10.65
C ASN B 70 29.60 -6.05 -9.91
N THR B 71 30.30 -4.95 -10.27
CA THR B 71 30.09 -3.65 -9.64
C THR B 71 29.14 -2.81 -10.47
N THR B 72 28.10 -2.29 -9.83
CA THR B 72 27.18 -1.38 -10.53
C THR B 72 27.89 -0.03 -10.65
N VAL B 73 27.82 0.59 -11.84
CA VAL B 73 28.46 1.88 -12.10
C VAL B 73 27.49 2.81 -12.86
N ALA B 74 27.81 4.11 -12.90
CA ALA B 74 27.09 5.06 -13.72
C ALA B 74 28.08 5.50 -14.79
N VAL B 75 27.63 5.55 -16.03
CA VAL B 75 28.46 5.97 -17.15
C VAL B 75 27.85 7.25 -17.75
N LYS B 76 28.57 8.37 -17.73
CA LYS B 76 28.09 9.58 -18.38
C LYS B 76 28.76 9.70 -19.74
N LYS B 77 27.96 9.66 -20.81
CA LYS B 77 28.49 9.77 -22.16
C LYS B 77 28.26 11.21 -22.62
N LEU B 78 29.33 11.95 -22.85
CA LEU B 78 29.24 13.35 -23.23
C LEU B 78 28.75 13.55 -24.67
N ALA B 79 27.91 14.56 -24.88
CA ALA B 79 27.37 14.88 -26.21
C ALA B 79 27.04 16.38 -26.33
N ALA B 80 27.10 16.91 -27.57
CA ALA B 80 26.82 18.32 -27.89
C ALA B 80 25.45 18.81 -27.37
N THR B 85 30.65 23.21 -28.54
CA THR B 85 31.61 22.66 -29.51
C THR B 85 32.30 21.40 -28.95
N THR B 86 32.92 20.60 -29.81
CA THR B 86 33.66 19.40 -29.40
C THR B 86 34.86 19.78 -28.53
N GLU B 87 35.50 20.92 -28.83
CA GLU B 87 36.66 21.42 -28.10
C GLU B 87 36.28 21.82 -26.66
N GLU B 88 35.15 22.53 -26.49
CA GLU B 88 34.66 22.95 -25.17
C GLU B 88 34.23 21.75 -24.33
N LEU B 89 33.59 20.77 -24.99
CA LEU B 89 33.16 19.53 -24.37
C LEU B 89 34.39 18.73 -23.88
N LYS B 90 35.48 18.73 -24.68
CA LYS B 90 36.73 18.05 -24.32
C LYS B 90 37.38 18.71 -23.10
N GLN B 91 37.33 20.04 -23.00
CA GLN B 91 37.91 20.76 -21.87
C GLN B 91 37.15 20.49 -20.58
N GLN B 92 35.83 20.32 -20.67
CA GLN B 92 35.02 20.01 -19.50
C GLN B 92 35.27 18.57 -19.03
N PHE B 93 35.55 17.64 -19.98
CA PHE B 93 35.90 16.26 -19.68
C PHE B 93 37.23 16.27 -18.92
N ASP B 94 38.23 17.00 -19.44
CA ASP B 94 39.54 17.09 -18.81
C ASP B 94 39.44 17.74 -17.44
N GLN B 95 38.62 18.79 -17.31
CA GLN B 95 38.44 19.51 -16.05
C GLN B 95 37.79 18.64 -15.00
N GLU B 96 36.77 17.84 -15.39
CA GLU B 96 36.12 16.92 -14.45
C GLU B 96 37.17 15.92 -13.87
N ILE B 97 37.99 15.33 -14.75
CA ILE B 97 39.01 14.39 -14.30
C ILE B 97 40.02 15.05 -13.37
N LYS B 98 40.49 16.25 -13.74
CA LYS B 98 41.45 17.02 -12.97
C LYS B 98 40.92 17.35 -11.57
N VAL B 99 39.66 17.80 -11.48
CA VAL B 99 39.08 18.17 -10.19
C VAL B 99 38.82 16.96 -9.33
N MET B 100 38.28 15.90 -9.93
CA MET B 100 38.00 14.66 -9.22
C MET B 100 39.23 13.99 -8.64
N ALA B 101 40.38 14.12 -9.31
CA ALA B 101 41.63 13.55 -8.80
C ALA B 101 42.14 14.35 -7.57
N LYS B 102 41.93 15.67 -7.58
CA LYS B 102 42.37 16.52 -6.47
C LYS B 102 41.42 16.50 -5.30
N CYS B 103 40.11 16.38 -5.56
CA CYS B 103 39.08 16.48 -4.55
C CYS B 103 38.34 15.17 -4.37
N GLN B 104 38.67 14.48 -3.32
CA GLN B 104 38.00 13.24 -2.98
C GLN B 104 37.55 13.44 -1.52
N HIS B 105 36.23 13.33 -1.25
CA HIS B 105 35.59 13.58 0.05
C HIS B 105 34.25 12.81 0.10
N GLU B 106 33.78 12.47 1.31
CA GLU B 106 32.53 11.71 1.48
C GLU B 106 31.29 12.44 0.93
N ASN B 107 31.33 13.78 0.74
CA ASN B 107 30.19 14.49 0.18
C ASN B 107 30.43 14.96 -1.28
N LEU B 108 31.34 14.28 -1.98
CA LEU B 108 31.57 14.50 -3.41
C LEU B 108 31.46 13.13 -4.10
N VAL B 109 30.77 13.07 -5.26
CA VAL B 109 30.65 11.82 -6.00
C VAL B 109 32.03 11.31 -6.45
N GLU B 110 32.23 10.00 -6.41
CA GLU B 110 33.52 9.41 -6.72
C GLU B 110 33.64 8.96 -8.17
N LEU B 111 34.63 9.49 -8.86
CA LEU B 111 34.92 9.08 -10.22
C LEU B 111 35.74 7.81 -10.13
N LEU B 112 35.42 6.78 -10.93
CA LEU B 112 36.16 5.51 -10.98
C LEU B 112 37.10 5.47 -12.18
N GLY B 113 36.71 6.11 -13.27
CA GLY B 113 37.51 6.07 -14.48
C GLY B 113 36.86 6.80 -15.62
N PHE B 114 37.36 6.55 -16.82
CA PHE B 114 36.90 7.26 -17.99
C PHE B 114 37.23 6.46 -19.26
N SER B 115 36.70 6.92 -20.39
CA SER B 115 36.99 6.32 -21.68
C SER B 115 37.16 7.45 -22.66
N SER B 116 38.24 7.42 -23.42
CA SER B 116 38.49 8.42 -24.44
C SER B 116 39.04 7.82 -25.75
N ASP B 117 39.21 6.46 -25.84
CA ASP B 117 39.70 5.79 -27.06
C ASP B 117 38.69 5.88 -28.21
N GLY B 118 37.41 5.94 -27.87
CA GLY B 118 36.34 6.15 -28.83
C GLY B 118 36.09 7.64 -28.90
N ASP B 119 35.66 8.16 -30.06
CA ASP B 119 35.40 9.59 -30.20
C ASP B 119 34.19 10.09 -29.37
N ASP B 120 33.61 9.22 -28.52
CA ASP B 120 32.54 9.57 -27.60
C ASP B 120 33.12 9.49 -26.19
N LEU B 121 33.27 10.63 -25.52
CA LEU B 121 33.87 10.70 -24.19
C LEU B 121 32.96 10.12 -23.12
N CYS B 122 33.51 9.28 -22.23
CA CYS B 122 32.73 8.69 -21.14
C CYS B 122 33.38 8.91 -19.79
N LEU B 123 32.59 9.21 -18.77
CA LEU B 123 33.06 9.34 -17.39
C LEU B 123 32.34 8.27 -16.55
N VAL B 124 33.08 7.48 -15.76
CA VAL B 124 32.48 6.37 -15.00
C VAL B 124 32.54 6.70 -13.52
N TYR B 125 31.42 6.55 -12.81
CA TYR B 125 31.31 6.88 -11.40
C TYR B 125 30.80 5.71 -10.57
N VAL B 126 30.99 5.82 -9.24
CA VAL B 126 30.36 4.91 -8.28
C VAL B 126 28.84 5.11 -8.41
N TYR B 127 28.09 4.01 -8.45
CA TYR B 127 26.64 4.07 -8.61
C TYR B 127 25.98 4.68 -7.37
N MET B 128 25.06 5.67 -7.59
CA MET B 128 24.28 6.36 -6.55
C MET B 128 22.87 5.82 -6.66
N PRO B 129 22.53 4.80 -5.85
CA PRO B 129 21.21 4.14 -6.01
C PRO B 129 19.98 5.02 -5.88
N ASN B 130 20.11 6.15 -5.17
CA ASN B 130 18.96 7.04 -5.00
C ASN B 130 18.96 8.26 -5.94
N GLY B 131 19.76 8.21 -7.01
CA GLY B 131 19.73 9.24 -8.05
C GLY B 131 20.00 10.65 -7.58
N SER B 132 19.30 11.65 -8.15
CA SER B 132 19.58 13.03 -7.78
C SER B 132 18.57 13.57 -6.77
N LEU B 133 18.95 14.60 -6.04
CA LEU B 133 18.06 15.28 -5.11
C LEU B 133 16.88 15.89 -5.90
N LEU B 134 17.11 16.39 -7.13
CA LEU B 134 16.05 16.95 -7.98
C LEU B 134 14.99 15.86 -8.23
N ASP B 135 15.46 14.64 -8.61
CA ASP B 135 14.56 13.53 -8.91
C ASP B 135 13.81 13.08 -7.66
N ARG B 136 14.49 13.04 -6.49
CA ARG B 136 13.82 12.60 -5.27
C ARG B 136 12.81 13.65 -4.75
N LEU B 137 13.11 14.94 -4.95
CA LEU B 137 12.16 15.99 -4.57
C LEU B 137 10.91 15.96 -5.47
N SER B 138 11.06 15.56 -6.73
CA SER B 138 9.91 15.45 -7.64
C SER B 138 9.22 14.07 -7.56
N CYS B 139 9.76 13.15 -6.74
CA CYS B 139 9.28 11.77 -6.59
C CYS B 139 9.25 11.05 -7.93
N LEU B 140 10.22 11.34 -8.79
CA LEU B 140 10.30 10.72 -10.13
C LEU B 140 10.29 9.19 -10.02
N ASP B 141 9.54 8.52 -10.91
CA ASP B 141 9.44 7.06 -10.96
C ASP B 141 8.74 6.45 -9.73
N GLY B 142 8.01 7.24 -8.96
CA GLY B 142 7.20 6.72 -7.88
C GLY B 142 7.88 6.54 -6.55
N THR B 143 9.05 7.17 -6.37
CA THR B 143 9.75 7.08 -5.09
C THR B 143 8.98 7.86 -4.01
N PRO B 144 9.00 7.40 -2.76
CA PRO B 144 8.27 8.13 -1.72
C PRO B 144 8.94 9.47 -1.42
N PRO B 145 8.14 10.49 -1.03
CA PRO B 145 8.72 11.79 -0.71
C PRO B 145 9.75 11.71 0.41
N LEU B 146 10.80 12.54 0.33
CA LEU B 146 11.83 12.59 1.35
C LEU B 146 11.21 13.24 2.62
N SER B 147 11.51 12.67 3.79
CA SER B 147 11.04 13.25 5.05
C SER B 147 11.82 14.53 5.34
N TRP B 148 11.34 15.36 6.28
CA TRP B 148 12.06 16.56 6.70
C TRP B 148 13.39 16.11 7.35
N HIS B 149 13.36 15.01 8.12
CA HIS B 149 14.57 14.47 8.75
C HIS B 149 15.65 14.15 7.69
N MET B 150 15.26 13.48 6.60
CA MET B 150 16.23 13.17 5.51
C MET B 150 16.70 14.47 4.82
N ARG B 151 15.78 15.40 4.57
CA ARG B 151 16.13 16.68 3.93
C ARG B 151 17.16 17.47 4.74
N CYS B 152 17.04 17.47 6.08
CA CYS B 152 18.02 18.16 6.93
C CYS B 152 19.41 17.52 6.78
N LYS B 153 19.50 16.19 6.77
CA LYS B 153 20.79 15.49 6.62
C LYS B 153 21.38 15.78 5.23
N ILE B 154 20.53 15.84 4.19
CA ILE B 154 21.01 16.10 2.84
C ILE B 154 21.54 17.54 2.75
N ALA B 155 20.87 18.50 3.36
CA ALA B 155 21.31 19.92 3.33
C ALA B 155 22.67 20.04 4.03
N GLN B 156 22.82 19.35 5.18
CA GLN B 156 24.08 19.37 5.93
C GLN B 156 25.22 18.75 5.12
N GLY B 157 24.95 17.59 4.53
CA GLY B 157 25.93 16.89 3.70
C GLY B 157 26.38 17.70 2.49
N ALA B 158 25.41 18.30 1.78
CA ALA B 158 25.75 19.16 0.64
C ALA B 158 26.61 20.36 1.07
N ALA B 159 26.31 20.97 2.22
CA ALA B 159 27.10 22.10 2.71
C ALA B 159 28.53 21.61 3.05
N ASN B 160 28.66 20.39 3.58
CA ASN B 160 29.97 19.84 3.91
C ASN B 160 30.81 19.65 2.61
N GLY B 161 30.16 19.22 1.53
CA GLY B 161 30.82 19.02 0.24
C GLY B 161 31.27 20.33 -0.37
N ILE B 162 30.40 21.36 -0.32
CA ILE B 162 30.78 22.70 -0.81
C ILE B 162 31.93 23.26 0.04
N ASN B 163 31.89 23.01 1.36
CA ASN B 163 32.97 23.48 2.24
C ASN B 163 34.30 22.88 1.83
N PHE B 164 34.32 21.57 1.52
CA PHE B 164 35.55 20.91 1.10
C PHE B 164 36.07 21.53 -0.20
N LEU B 165 35.17 21.82 -1.15
CA LEU B 165 35.56 22.45 -2.41
C LEU B 165 36.17 23.83 -2.18
N HIS B 166 35.50 24.69 -1.39
CA HIS B 166 36.00 26.04 -1.09
C HIS B 166 37.30 26.02 -0.30
N GLU B 167 37.46 25.04 0.63
CA GLU B 167 38.71 24.87 1.39
C GLU B 167 39.86 24.51 0.43
N ASN B 168 39.55 23.74 -0.62
CA ASN B 168 40.52 23.34 -1.63
C ASN B 168 40.58 24.32 -2.83
N HIS B 169 40.12 25.55 -2.64
CA HIS B 169 40.16 26.65 -3.57
C HIS B 169 39.53 26.34 -4.93
N HIS B 170 38.34 25.71 -4.92
CA HIS B 170 37.62 25.43 -6.14
C HIS B 170 36.23 26.06 -6.03
N ILE B 171 35.77 26.63 -7.14
CA ILE B 171 34.43 27.19 -7.24
C ILE B 171 33.67 26.20 -8.15
N HIS B 172 32.54 25.68 -7.70
CA HIS B 172 31.79 24.68 -8.47
C HIS B 172 31.17 25.27 -9.76
N ARG B 173 30.45 26.42 -9.60
CA ARG B 173 29.80 27.19 -10.70
C ARG B 173 28.51 26.57 -11.20
N ASP B 174 28.09 25.40 -10.66
CA ASP B 174 26.82 24.81 -11.09
C ASP B 174 26.11 24.05 -9.97
N ILE B 175 26.05 24.66 -8.78
CA ILE B 175 25.37 24.05 -7.64
C ILE B 175 23.89 24.11 -7.92
N LYS B 176 23.24 22.95 -7.85
CA LYS B 176 21.82 22.81 -8.11
C LYS B 176 21.39 21.41 -7.66
N SER B 177 20.08 21.20 -7.48
CA SER B 177 19.63 19.89 -6.97
C SER B 177 19.90 18.71 -7.93
N ALA B 178 19.99 18.96 -9.24
CA ALA B 178 20.35 17.90 -10.19
C ALA B 178 21.83 17.46 -10.00
N ASN B 179 22.67 18.33 -9.37
CA ASN B 179 24.07 18.07 -9.09
C ASN B 179 24.32 17.71 -7.62
N ILE B 180 23.31 17.18 -6.93
CA ILE B 180 23.46 16.64 -5.59
C ILE B 180 22.90 15.24 -5.69
N LEU B 181 23.77 14.24 -5.62
CA LEU B 181 23.34 12.84 -5.77
C LEU B 181 23.21 12.17 -4.43
N LEU B 182 22.53 11.02 -4.39
CA LEU B 182 22.18 10.39 -3.13
C LEU B 182 22.54 8.93 -3.15
N ASP B 183 23.38 8.51 -2.22
CA ASP B 183 23.88 7.14 -2.20
C ASP B 183 22.91 6.17 -1.48
N GLU B 184 23.42 4.95 -1.18
CA GLU B 184 22.68 3.88 -0.51
CA GLU B 184 22.68 3.89 -0.51
C GLU B 184 22.17 4.25 0.89
N ALA B 185 22.69 5.31 1.50
CA ALA B 185 22.23 5.80 2.82
C ALA B 185 21.63 7.23 2.72
N PHE B 186 21.33 7.70 1.49
CA PHE B 186 20.86 9.05 1.21
C PHE B 186 21.88 10.13 1.66
N THR B 187 23.17 9.79 1.63
CA THR B 187 24.24 10.76 1.89
C THR B 187 24.34 11.62 0.61
N ALA B 188 24.44 12.95 0.79
CA ALA B 188 24.56 13.92 -0.32
C ALA B 188 25.97 13.86 -0.92
N LYS B 189 26.04 13.81 -2.25
CA LYS B 189 27.28 13.74 -3.00
C LYS B 189 27.20 14.78 -4.13
N ILE B 190 27.95 15.90 -4.03
CA ILE B 190 27.97 16.92 -5.08
C ILE B 190 28.56 16.28 -6.35
N SER B 191 27.99 16.61 -7.49
CA SER B 191 28.47 16.06 -8.76
C SER B 191 28.64 17.17 -9.82
N ASP B 192 29.14 16.79 -11.00
CA ASP B 192 29.38 17.62 -12.18
C ASP B 192 30.37 18.76 -11.93
N PHE B 193 31.65 18.45 -12.09
CA PHE B 193 32.76 19.38 -11.91
C PHE B 193 33.35 19.91 -13.23
N GLY B 194 32.65 19.72 -14.34
CA GLY B 194 33.12 20.14 -15.66
C GLY B 194 33.32 21.64 -15.80
N LEU B 195 32.56 22.44 -15.02
CA LEU B 195 32.69 23.92 -15.04
C LEU B 195 33.47 24.48 -13.86
N ALA B 196 33.93 23.62 -12.93
CA ALA B 196 34.65 24.07 -11.74
C ALA B 196 35.92 24.86 -12.09
N ARG B 197 36.24 25.87 -11.26
CA ARG B 197 37.41 26.71 -11.47
C ARG B 197 38.27 26.75 -10.23
N ALA B 198 39.58 26.65 -10.40
CA ALA B 198 40.53 26.79 -9.29
C ALA B 198 40.72 28.27 -8.95
N SER B 199 41.08 28.52 -7.68
CA SER B 199 41.29 29.82 -7.03
C SER B 199 40.00 30.63 -7.02
N TPO B 205 38.08 38.02 -6.77
CA TPO B 205 37.04 37.97 -7.80
CB TPO B 205 35.83 38.86 -7.41
CG2 TPO B 205 34.71 38.70 -8.45
OG1 TPO B 205 35.35 38.39 -6.12
P TPO B 205 35.33 39.57 -5.12
O1P TPO B 205 34.62 40.77 -5.72
O2P TPO B 205 36.74 40.06 -4.78
O3P TPO B 205 34.62 39.07 -3.87
C TPO B 205 37.56 38.38 -9.18
O TPO B 205 38.09 39.46 -9.34
N VAL B 206 37.40 37.49 -10.16
CA VAL B 206 37.83 37.73 -11.54
C VAL B 206 36.59 37.70 -12.49
N MET B 207 36.75 38.21 -13.73
CA MET B 207 35.65 38.16 -14.70
C MET B 207 35.96 37.19 -15.82
N TPO B 208 34.92 36.59 -16.39
CA TPO B 208 35.08 35.68 -17.50
CB TPO B 208 34.62 34.22 -17.18
CG2 TPO B 208 33.14 34.10 -16.79
OG1 TPO B 208 34.79 33.31 -18.30
P TPO B 208 36.25 32.80 -18.58
O1P TPO B 208 36.05 31.37 -19.02
O2P TPO B 208 36.77 33.62 -19.69
O3P TPO B 208 37.22 32.74 -17.41
C TPO B 208 34.28 36.19 -18.68
O TPO B 208 33.29 36.90 -18.49
N SEP B 209 34.70 35.84 -19.89
CA SEP B 209 33.97 36.23 -21.07
CB SEP B 209 34.91 36.64 -22.20
OG SEP B 209 35.66 35.47 -22.55
C SEP B 209 33.01 35.11 -21.53
O SEP B 209 32.28 35.30 -22.51
P SEP B 209 36.62 35.75 -23.74
O1P SEP B 209 35.89 36.33 -24.97
O2P SEP B 209 37.29 34.41 -24.10
O3P SEP B 209 37.70 36.73 -23.29
N ARG B 210 33.02 33.95 -20.85
CA ARG B 210 32.13 32.82 -21.16
C ARG B 210 31.28 32.55 -19.93
N ILE B 211 30.10 33.17 -19.88
CA ILE B 211 29.20 33.01 -18.75
C ILE B 211 28.52 31.66 -18.80
N VAL B 212 28.76 30.82 -17.79
CA VAL B 212 28.18 29.48 -17.72
C VAL B 212 27.48 29.25 -16.37
N GLY B 213 26.61 28.24 -16.33
CA GLY B 213 25.83 27.90 -15.16
C GLY B 213 24.37 27.68 -15.52
N THR B 214 23.53 27.49 -14.52
CA THR B 214 22.10 27.27 -14.73
C THR B 214 21.38 28.51 -14.24
N THR B 215 20.80 29.28 -15.19
CA THR B 215 20.17 30.57 -14.94
C THR B 215 19.32 30.68 -13.65
N ALA B 216 18.38 29.74 -13.41
CA ALA B 216 17.48 29.77 -12.25
C ALA B 216 18.19 29.69 -10.89
N TYR B 217 19.46 29.27 -10.87
CA TYR B 217 20.23 29.16 -9.63
C TYR B 217 21.35 30.21 -9.51
N MET B 218 21.56 31.03 -10.55
CA MET B 218 22.71 31.91 -10.57
C MET B 218 22.55 33.20 -9.82
N ALA B 219 23.62 33.58 -9.12
CA ALA B 219 23.70 34.87 -8.42
C ALA B 219 23.75 36.00 -9.46
N PRO B 220 23.28 37.21 -9.12
CA PRO B 220 23.35 38.32 -10.06
C PRO B 220 24.75 38.58 -10.63
N GLU B 221 25.78 38.52 -9.76
CA GLU B 221 27.16 38.77 -10.21
C GLU B 221 27.67 37.66 -11.14
N ALA B 222 27.19 36.43 -10.98
CA ALA B 222 27.58 35.32 -11.86
C ALA B 222 26.93 35.52 -13.23
N LEU B 223 25.68 36.01 -13.27
CA LEU B 223 25.02 36.32 -14.54
C LEU B 223 25.75 37.46 -15.32
N ARG B 224 26.55 38.27 -14.60
CA ARG B 224 27.31 39.36 -15.20
C ARG B 224 28.74 38.98 -15.59
N GLY B 225 29.16 37.76 -15.28
CA GLY B 225 30.50 37.31 -15.65
C GLY B 225 31.49 37.23 -14.51
N GLU B 226 31.08 37.51 -13.25
CA GLU B 226 32.01 37.38 -12.13
C GLU B 226 32.20 35.93 -11.74
N ILE B 227 33.41 35.57 -11.31
CA ILE B 227 33.72 34.23 -10.84
C ILE B 227 34.17 34.35 -9.39
N THR B 228 33.37 33.85 -8.45
CA THR B 228 33.63 33.95 -7.02
C THR B 228 32.93 32.81 -6.27
N PRO B 229 33.55 32.29 -5.19
CA PRO B 229 32.85 31.26 -4.39
C PRO B 229 31.56 31.78 -3.75
N LYS B 230 31.40 33.12 -3.61
CA LYS B 230 30.15 33.71 -3.09
C LYS B 230 28.94 33.36 -3.98
N SER B 231 29.16 33.09 -5.27
CA SER B 231 28.09 32.71 -6.19
C SER B 231 27.60 31.28 -5.89
N ASP B 232 28.50 30.38 -5.45
CA ASP B 232 28.10 29.03 -5.06
C ASP B 232 27.15 29.10 -3.84
N ILE B 233 27.39 30.05 -2.91
CA ILE B 233 26.55 30.23 -1.73
C ILE B 233 25.13 30.61 -2.14
N TYR B 234 25.02 31.55 -3.08
CA TYR B 234 23.71 31.98 -3.60
C TYR B 234 22.96 30.78 -4.21
N SER B 235 23.63 30.00 -5.08
CA SER B 235 23.01 28.83 -5.70
C SER B 235 22.57 27.81 -4.64
N PHE B 236 23.38 27.63 -3.60
CA PHE B 236 23.02 26.73 -2.48
C PHE B 236 21.75 27.24 -1.77
N GLY B 237 21.54 28.56 -1.71
CA GLY B 237 20.34 29.15 -1.13
C GLY B 237 19.10 28.73 -1.92
N VAL B 238 19.22 28.69 -3.27
CA VAL B 238 18.11 28.24 -4.13
C VAL B 238 17.84 26.76 -3.85
N VAL B 239 18.90 25.95 -3.70
CA VAL B 239 18.74 24.51 -3.35
C VAL B 239 17.98 24.36 -2.02
N LEU B 240 18.31 25.19 -1.03
CA LEU B 240 17.61 25.14 0.26
C LEU B 240 16.11 25.45 0.09
N LEU B 241 15.74 26.41 -0.79
CA LEU B 241 14.32 26.66 -1.08
C LEU B 241 13.68 25.45 -1.73
N GLU B 242 14.39 24.78 -2.65
CA GLU B 242 13.85 23.55 -3.27
C GLU B 242 13.61 22.47 -2.21
N ILE B 243 14.51 22.34 -1.25
CA ILE B 243 14.38 21.33 -0.19
C ILE B 243 13.16 21.64 0.70
N ILE B 244 12.98 22.92 1.07
CA ILE B 244 11.84 23.29 1.92
C ILE B 244 10.48 23.11 1.21
N THR B 245 10.40 23.51 -0.04
CA THR B 245 9.14 23.58 -0.79
C THR B 245 8.82 22.42 -1.68
N GLY B 246 9.85 21.67 -2.08
CA GLY B 246 9.71 20.57 -3.05
C GLY B 246 9.49 21.08 -4.47
N LEU B 247 9.57 22.40 -4.69
CA LEU B 247 9.33 23.00 -6.00
C LEU B 247 10.64 23.11 -6.78
N PRO B 248 10.59 22.90 -8.09
CA PRO B 248 11.79 23.11 -8.91
C PRO B 248 12.15 24.62 -8.97
N ALA B 249 13.43 24.93 -9.14
CA ALA B 249 13.94 26.31 -9.23
C ALA B 249 13.26 27.11 -10.32
N VAL B 250 12.87 26.44 -11.42
CA VAL B 250 12.15 27.11 -12.50
C VAL B 250 11.04 26.15 -13.01
N ASP B 251 9.88 26.71 -13.27
CA ASP B 251 8.75 25.96 -13.81
C ASP B 251 8.02 26.96 -14.67
N GLU B 252 8.12 26.78 -16.01
CA GLU B 252 7.49 27.73 -16.92
C GLU B 252 5.96 27.71 -16.84
N HIS B 253 5.35 26.66 -16.27
CA HIS B 253 3.91 26.61 -16.12
C HIS B 253 3.48 26.98 -14.69
N ARG B 254 4.30 27.70 -13.93
CA ARG B 254 3.99 28.12 -12.56
C ARG B 254 4.11 29.63 -12.37
N GLU B 255 3.41 30.19 -11.37
CA GLU B 255 3.51 31.60 -11.00
C GLU B 255 3.91 31.62 -9.52
N PRO B 256 5.13 32.11 -9.13
CA PRO B 256 6.18 32.68 -9.98
C PRO B 256 6.94 31.59 -10.73
N GLN B 257 7.44 31.89 -11.94
CA GLN B 257 8.19 30.89 -12.70
C GLN B 257 9.50 30.56 -11.97
N LEU B 258 10.15 31.56 -11.36
CA LEU B 258 11.41 31.38 -10.64
C LEU B 258 11.17 31.28 -9.15
N LEU B 259 11.62 30.16 -8.55
CA LEU B 259 11.47 29.91 -7.11
C LEU B 259 12.11 31.00 -6.25
N LEU B 260 13.21 31.54 -6.70
CA LEU B 260 13.98 32.61 -6.12
C LEU B 260 13.06 33.80 -5.69
N ASP B 261 12.02 34.08 -6.49
CA ASP B 261 11.07 35.15 -6.26
C ASP B 261 10.22 34.97 -4.99
N ILE B 262 10.14 33.76 -4.39
CA ILE B 262 9.35 33.59 -3.15
C ILE B 262 9.98 34.31 -1.95
N LYS B 263 11.31 34.53 -1.95
CA LYS B 263 11.98 35.27 -0.89
C LYS B 263 11.38 36.70 -0.79
N GLU B 264 11.12 37.32 -1.94
CA GLU B 264 10.52 38.65 -1.97
C GLU B 264 9.07 38.63 -1.57
N GLU B 265 8.31 37.60 -1.95
CA GLU B 265 6.91 37.49 -1.57
C GLU B 265 6.79 37.37 -0.04
N ILE B 266 7.70 36.60 0.59
CA ILE B 266 7.72 36.41 2.04
C ILE B 266 8.18 37.69 2.75
N GLU B 267 9.23 38.34 2.25
CA GLU B 267 9.72 39.61 2.81
C GLU B 267 8.68 40.73 2.71
N ASP B 268 7.94 40.79 1.60
CA ASP B 268 6.88 41.80 1.44
C ASP B 268 5.55 41.41 2.13
N GLU B 269 5.54 40.30 2.91
CA GLU B 269 4.40 39.76 3.64
C GLU B 269 3.19 39.43 2.76
N GLU B 270 3.43 39.20 1.48
CA GLU B 270 2.37 38.73 0.57
C GLU B 270 2.08 37.22 0.84
N LYS B 271 3.06 36.50 1.43
CA LYS B 271 3.02 35.08 1.74
C LYS B 271 3.98 34.75 2.90
N THR B 272 3.86 33.56 3.48
CA THR B 272 4.74 33.11 4.57
C THR B 272 5.49 31.84 4.12
N ILE B 273 6.58 31.45 4.82
CA ILE B 273 7.29 30.23 4.46
C ILE B 273 6.34 29.01 4.67
N GLU B 274 5.39 29.09 5.65
CA GLU B 274 4.42 28.03 5.90
C GLU B 274 3.51 27.79 4.67
N ASP B 275 3.19 28.84 3.91
CA ASP B 275 2.38 28.68 2.69
C ASP B 275 3.14 27.88 1.60
N TYR B 276 4.48 27.89 1.64
CA TYR B 276 5.30 27.23 0.64
C TYR B 276 5.89 25.89 1.09
N ILE B 277 5.82 25.54 2.40
CA ILE B 277 6.38 24.27 2.89
C ILE B 277 5.80 23.09 2.09
N ASP B 278 6.66 22.16 1.64
CA ASP B 278 6.24 21.00 0.87
C ASP B 278 5.15 20.24 1.65
N LYS B 279 3.96 20.10 1.07
CA LYS B 279 2.88 19.35 1.71
C LYS B 279 3.12 17.82 1.69
N LYS B 280 4.12 17.35 0.92
CA LYS B 280 4.46 15.93 0.82
C LYS B 280 5.37 15.45 1.97
N MET B 281 5.38 16.15 3.11
CA MET B 281 6.12 15.72 4.30
C MET B 281 5.10 15.67 5.42
N ASN B 282 5.34 14.85 6.44
CA ASN B 282 4.48 14.81 7.62
C ASN B 282 5.25 15.18 8.91
N ASP B 283 6.59 15.38 8.81
CA ASP B 283 7.45 15.61 9.99
C ASP B 283 8.15 16.97 10.00
N ALA B 284 7.67 17.94 9.21
CA ALA B 284 8.27 19.26 9.29
C ALA B 284 7.75 19.93 10.59
N ASP B 285 8.60 20.74 11.20
CA ASP B 285 8.25 21.53 12.38
C ASP B 285 8.64 22.96 12.04
N SER B 286 7.83 23.91 12.47
CA SER B 286 8.04 25.32 12.15
C SER B 286 9.41 25.83 12.52
N THR B 287 9.93 25.47 13.70
CA THR B 287 11.20 25.98 14.19
C THR B 287 12.38 25.66 13.27
N SER B 288 12.59 24.38 12.93
CA SER B 288 13.71 23.99 12.08
C SER B 288 13.50 24.42 10.63
N VAL B 289 12.25 24.48 10.16
CA VAL B 289 11.96 24.97 8.81
C VAL B 289 12.32 26.48 8.75
N GLU B 290 11.93 27.25 9.78
CA GLU B 290 12.27 28.68 9.82
C GLU B 290 13.79 28.87 9.90
N ALA B 291 14.50 27.96 10.58
CA ALA B 291 15.96 28.04 10.67
C ALA B 291 16.59 27.76 9.30
N MET B 292 16.08 26.76 8.54
CA MET B 292 16.62 26.50 7.20
C MET B 292 16.29 27.68 6.29
N TYR B 293 15.07 28.22 6.40
CA TYR B 293 14.68 29.37 5.58
C TYR B 293 15.56 30.58 5.85
N SER B 294 15.91 30.83 7.12
CA SER B 294 16.78 31.92 7.49
C SER B 294 18.17 31.77 6.83
N VAL B 295 18.72 30.54 6.79
CA VAL B 295 20.00 30.26 6.12
C VAL B 295 19.84 30.56 4.62
N ALA B 296 18.77 30.05 3.99
CA ALA B 296 18.52 30.27 2.57
C ALA B 296 18.41 31.78 2.26
N SER B 297 17.66 32.54 3.08
CA SER B 297 17.48 33.97 2.89
C SER B 297 18.82 34.70 2.95
N GLN B 298 19.70 34.30 3.90
CA GLN B 298 21.03 34.91 4.04
C GLN B 298 21.90 34.58 2.82
N CYS B 299 21.86 33.33 2.32
CA CYS B 299 22.59 32.90 1.12
C CYS B 299 22.15 33.70 -0.11
N LEU B 300 20.87 34.07 -0.17
CA LEU B 300 20.25 34.77 -1.30
C LEU B 300 20.33 36.27 -1.24
N HIS B 301 21.22 36.84 -0.41
CA HIS B 301 21.40 38.29 -0.37
C HIS B 301 21.92 38.74 -1.77
N GLU B 302 21.29 39.76 -2.35
CA GLU B 302 21.68 40.22 -3.68
C GLU B 302 23.12 40.73 -3.72
N LYS B 303 23.60 41.32 -2.63
CA LYS B 303 24.98 41.79 -2.50
C LYS B 303 25.85 40.64 -2.03
N LYS B 304 26.80 40.21 -2.87
CA LYS B 304 27.65 39.06 -2.58
C LYS B 304 28.44 39.16 -1.26
N ASN B 305 28.87 40.36 -0.87
CA ASN B 305 29.64 40.53 0.37
C ASN B 305 28.80 40.43 1.65
N LYS B 306 27.47 40.46 1.54
CA LYS B 306 26.57 40.31 2.68
C LYS B 306 26.14 38.85 2.93
N ARG B 307 26.48 37.93 2.02
CA ARG B 307 26.17 36.52 2.17
C ARG B 307 27.13 35.88 3.17
N PRO B 308 26.67 34.87 3.92
CA PRO B 308 27.61 34.15 4.79
C PRO B 308 28.59 33.32 3.94
N ASP B 309 29.76 32.98 4.50
CA ASP B 309 30.66 32.06 3.78
C ASP B 309 30.17 30.61 4.05
N ILE B 310 30.72 29.61 3.35
CA ILE B 310 30.26 28.23 3.52
C ILE B 310 30.46 27.70 4.97
N LYS B 311 31.49 28.17 5.69
CA LYS B 311 31.72 27.73 7.07
C LYS B 311 30.56 28.15 7.98
N LYS B 312 30.09 29.39 7.79
CA LYS B 312 28.97 29.93 8.56
C LYS B 312 27.68 29.16 8.21
N VAL B 313 27.49 28.83 6.92
CA VAL B 313 26.32 28.07 6.48
C VAL B 313 26.30 26.69 7.17
N GLN B 314 27.47 26.02 7.23
CA GLN B 314 27.62 24.71 7.88
C GLN B 314 27.21 24.80 9.35
N GLN B 315 27.70 25.83 10.04
CA GLN B 315 27.43 26.09 11.45
C GLN B 315 25.95 26.33 11.69
N LEU B 316 25.31 27.16 10.86
CA LEU B 316 23.87 27.41 11.00
C LEU B 316 23.04 26.15 10.75
N LEU B 317 23.42 25.34 9.74
CA LEU B 317 22.68 24.10 9.45
C LEU B 317 22.87 23.06 10.57
N GLN B 318 24.03 23.07 11.25
CA GLN B 318 24.26 22.18 12.38
C GLN B 318 23.40 22.63 13.58
N GLU B 319 23.35 23.94 13.84
CA GLU B 319 22.53 24.49 14.93
C GLU B 319 21.03 24.23 14.73
N MET B 320 20.60 24.13 13.47
CA MET B 320 19.22 23.87 13.06
C MET B 320 18.71 22.54 13.65
N THR B 321 19.57 21.51 13.74
CA THR B 321 19.16 20.21 14.26
C THR B 321 19.73 19.87 15.65
N ALA B 322 20.47 20.80 16.27
CA ALA B 322 21.07 20.54 17.57
C ALA B 322 20.04 20.68 18.71
N ARG C 27 -31.50 1.69 10.63
CA ARG C 27 -30.28 1.11 10.05
C ARG C 27 -29.03 1.80 10.62
N PHE C 28 -29.10 3.12 10.79
CA PHE C 28 -27.95 3.89 11.26
C PHE C 28 -28.05 4.23 12.74
N HIS C 29 -26.91 4.23 13.44
CA HIS C 29 -26.88 4.54 14.87
C HIS C 29 -26.99 6.03 15.18
N SER C 30 -27.90 6.39 16.12
CA SER C 30 -28.04 7.79 16.52
C SER C 30 -27.12 8.07 17.69
N PHE C 31 -26.09 8.89 17.47
CA PHE C 31 -25.14 9.25 18.52
C PHE C 31 -25.52 10.59 19.15
N SER C 32 -25.17 10.76 20.42
CA SER C 32 -25.31 12.04 21.08
C SER C 32 -24.03 12.82 20.70
N PHE C 33 -24.13 14.14 20.57
CA PHE C 33 -22.99 14.97 20.21
C PHE C 33 -21.78 14.78 21.15
N TYR C 34 -22.03 14.64 22.47
CA TYR C 34 -20.95 14.43 23.43
C TYR C 34 -20.24 13.09 23.22
N GLU C 35 -20.95 12.07 22.70
CA GLU C 35 -20.33 10.78 22.42
C GLU C 35 -19.30 10.94 21.30
N LEU C 36 -19.63 11.72 20.27
CA LEU C 36 -18.71 11.96 19.16
C LEU C 36 -17.56 12.89 19.56
N LYS C 37 -17.78 13.76 20.55
CA LYS C 37 -16.71 14.57 21.14
C LYS C 37 -15.71 13.59 21.80
N ASN C 38 -16.22 12.60 22.55
CA ASN C 38 -15.35 11.62 23.18
C ASN C 38 -14.54 10.82 22.14
N VAL C 39 -15.20 10.31 21.10
CA VAL C 39 -14.52 9.42 20.16
C VAL C 39 -13.48 10.12 19.27
N THR C 40 -13.59 11.44 19.08
CA THR C 40 -12.65 12.16 18.23
C THR C 40 -11.63 12.97 19.05
N ASN C 41 -11.43 12.62 20.34
CA ASN C 41 -10.53 13.36 21.25
C ASN C 41 -10.93 14.85 21.30
N ASN C 42 -12.22 15.09 21.53
CA ASN C 42 -12.84 16.41 21.59
C ASN C 42 -12.66 17.16 20.28
N PHE C 43 -12.89 16.48 19.14
CA PHE C 43 -12.70 17.04 17.78
C PHE C 43 -11.32 17.75 17.64
N ASP C 44 -10.25 17.03 18.03
CA ASP C 44 -8.86 17.51 18.03
C ASP C 44 -8.50 17.96 16.60
N GLU C 45 -8.34 19.29 16.40
CA GLU C 45 -8.11 19.80 15.05
C GLU C 45 -6.66 19.67 14.55
N ARG C 46 -5.75 19.09 15.35
CA ARG C 46 -4.38 18.85 14.86
C ARG C 46 -4.41 17.73 13.81
N PRO C 47 -3.55 17.77 12.78
CA PRO C 47 -3.62 16.75 11.73
C PRO C 47 -3.32 15.35 12.21
N ILE C 48 -3.93 14.33 11.59
CA ILE C 48 -3.65 12.94 11.97
C ILE C 48 -2.18 12.59 11.75
N SER C 49 -1.53 13.21 10.75
CA SER C 49 -0.12 12.97 10.46
C SER C 49 0.81 13.32 11.63
N VAL C 50 0.33 14.12 12.61
CA VAL C 50 1.15 14.46 13.78
C VAL C 50 0.50 14.02 15.12
N GLY C 51 -0.44 13.08 15.07
CA GLY C 51 -1.06 12.56 16.28
C GLY C 51 -2.42 13.12 16.65
N GLY C 52 -2.92 14.04 15.83
CA GLY C 52 -4.22 14.66 16.08
C GLY C 52 -5.34 13.84 15.46
N ASN C 53 -6.54 14.43 15.32
CA ASN C 53 -7.66 13.70 14.72
C ASN C 53 -8.16 14.27 13.40
N LYS C 54 -7.62 15.44 12.95
CA LYS C 54 -8.12 16.05 11.71
C LYS C 54 -7.62 15.35 10.44
N MET C 55 -8.54 14.86 9.58
CA MET C 55 -8.16 14.13 8.35
C MET C 55 -8.30 14.96 7.08
N GLY C 56 -9.28 15.85 7.06
CA GLY C 56 -9.56 16.61 5.86
C GLY C 56 -10.71 17.58 6.00
N GLU C 57 -11.13 18.14 4.86
CA GLU C 57 -12.15 19.17 4.82
C GLU C 57 -12.84 19.20 3.49
N GLY C 58 -14.06 19.69 3.49
CA GLY C 58 -14.80 19.95 2.27
C GLY C 58 -15.36 21.37 2.33
N GLY C 59 -16.36 21.64 1.48
CA GLY C 59 -17.01 22.93 1.50
C GLY C 59 -18.06 23.03 2.60
N PHE C 60 -18.51 21.89 3.16
CA PHE C 60 -19.58 21.89 4.15
C PHE C 60 -19.19 21.28 5.52
N GLY C 61 -17.92 20.97 5.75
CA GLY C 61 -17.50 20.40 7.03
C GLY C 61 -16.05 19.93 7.14
N VAL C 62 -15.64 19.52 8.36
CA VAL C 62 -14.30 19.00 8.65
C VAL C 62 -14.40 17.53 9.09
N VAL C 63 -13.47 16.68 8.62
CA VAL C 63 -13.49 15.22 8.85
C VAL C 63 -12.48 14.86 9.92
N TYR C 64 -12.93 14.11 10.93
CA TYR C 64 -12.10 13.69 12.07
C TYR C 64 -12.06 12.17 12.22
N LYS C 65 -10.93 11.63 12.64
CA LYS C 65 -10.79 10.20 12.90
C LYS C 65 -11.27 9.97 14.33
N GLY C 66 -11.82 8.79 14.58
CA GLY C 66 -12.28 8.41 15.91
C GLY C 66 -12.39 6.90 16.07
N TYR C 67 -12.77 6.43 17.26
CA TYR C 67 -12.95 5.00 17.54
C TYR C 67 -14.26 4.82 18.27
N VAL C 68 -15.10 3.90 17.80
CA VAL C 68 -16.35 3.56 18.46
C VAL C 68 -16.21 2.10 18.75
N ASN C 69 -16.06 1.78 20.04
CA ASN C 69 -15.75 0.45 20.55
C ASN C 69 -14.29 0.24 20.01
N ASN C 70 -14.08 -0.75 19.22
CA ASN C 70 -12.79 -0.98 18.55
C ASN C 70 -12.86 -0.71 17.05
N THR C 71 -13.92 -0.05 16.58
CA THR C 71 -14.10 0.28 15.17
C THR C 71 -13.56 1.66 14.88
N THR C 72 -12.65 1.78 13.92
CA THR C 72 -12.14 3.12 13.54
C THR C 72 -13.20 3.75 12.67
N VAL C 73 -13.53 5.02 12.93
CA VAL C 73 -14.55 5.72 12.17
C VAL C 73 -14.00 7.10 11.72
N ALA C 74 -14.73 7.74 10.80
CA ALA C 74 -14.53 9.11 10.34
C ALA C 74 -15.81 9.85 10.72
N VAL C 75 -15.68 11.00 11.39
CA VAL C 75 -16.84 11.78 11.77
C VAL C 75 -16.74 13.11 11.01
N LYS C 76 -17.73 13.39 10.15
CA LYS C 76 -17.73 14.67 9.44
C LYS C 76 -18.63 15.61 10.24
N LYS C 77 -18.04 16.71 10.75
CA LYS C 77 -18.80 17.70 11.51
C LYS C 77 -19.15 18.83 10.57
N LEU C 78 -20.43 18.98 10.25
CA LEU C 78 -20.90 20.01 9.31
C LEU C 78 -20.76 21.42 9.86
N ALA C 79 -20.34 22.36 9.02
CA ALA C 79 -20.17 23.77 9.40
C ALA C 79 -20.95 24.66 8.43
N ILE C 84 -23.61 28.94 2.82
CA ILE C 84 -24.99 28.48 2.81
C ILE C 84 -25.69 28.70 4.17
N THR C 85 -27.03 28.55 4.21
CA THR C 85 -27.86 28.72 5.40
C THR C 85 -27.92 27.42 6.25
N THR C 86 -28.42 27.52 7.49
CA THR C 86 -28.59 26.37 8.38
C THR C 86 -29.64 25.40 7.80
N GLU C 87 -30.69 25.96 7.15
CA GLU C 87 -31.77 25.19 6.51
C GLU C 87 -31.23 24.34 5.34
N GLU C 88 -30.37 24.93 4.49
CA GLU C 88 -29.78 24.23 3.34
C GLU C 88 -28.81 23.13 3.81
N LEU C 89 -28.07 23.39 4.89
CA LEU C 89 -27.14 22.43 5.47
C LEU C 89 -27.90 21.23 6.06
N LYS C 90 -29.04 21.49 6.68
CA LYS C 90 -29.87 20.43 7.25
C LYS C 90 -30.45 19.56 6.12
N GLN C 91 -30.84 20.17 4.98
CA GLN C 91 -31.38 19.41 3.87
C GLN C 91 -30.31 18.50 3.24
N GLN C 92 -29.06 18.96 3.19
CA GLN C 92 -27.96 18.16 2.68
C GLN C 92 -27.65 17.00 3.62
N PHE C 93 -27.76 17.23 4.94
CA PHE C 93 -27.56 16.20 5.97
C PHE C 93 -28.66 15.13 5.77
N ASP C 94 -29.92 15.56 5.64
CA ASP C 94 -31.03 14.63 5.44
C ASP C 94 -30.89 13.87 4.13
N GLN C 95 -30.44 14.55 3.06
CA GLN C 95 -30.28 13.93 1.75
C GLN C 95 -29.17 12.88 1.78
N GLU C 96 -28.05 13.17 2.47
CA GLU C 96 -26.97 12.19 2.62
C GLU C 96 -27.50 10.89 3.28
N ILE C 97 -28.25 11.03 4.38
CA ILE C 97 -28.81 9.89 5.08
C ILE C 97 -29.79 9.11 4.20
N LYS C 98 -30.67 9.83 3.47
CA LYS C 98 -31.65 9.22 2.59
C LYS C 98 -30.98 8.40 1.47
N VAL C 99 -29.93 8.95 0.86
CA VAL C 99 -29.23 8.26 -0.22
C VAL C 99 -28.46 7.03 0.32
N MET C 100 -27.79 7.18 1.46
CA MET C 100 -27.05 6.08 2.07
C MET C 100 -27.97 4.95 2.53
N ALA C 101 -29.20 5.28 2.96
CA ALA C 101 -30.15 4.25 3.36
C ALA C 101 -30.60 3.41 2.15
N LYS C 102 -30.65 4.01 0.95
CA LYS C 102 -31.08 3.34 -0.27
C LYS C 102 -29.94 2.63 -1.02
N CYS C 103 -28.73 3.17 -0.93
CA CYS C 103 -27.59 2.73 -1.71
C CYS C 103 -26.45 2.13 -0.90
N GLN C 104 -26.28 0.80 -0.97
CA GLN C 104 -25.18 0.10 -0.32
C GLN C 104 -24.40 -0.66 -1.39
N HIS C 105 -23.13 -0.35 -1.52
CA HIS C 105 -22.29 -0.97 -2.55
C HIS C 105 -20.83 -0.85 -2.13
N GLU C 106 -19.98 -1.81 -2.53
CA GLU C 106 -18.55 -1.76 -2.16
C GLU C 106 -17.80 -0.54 -2.72
N ASN C 107 -18.34 0.14 -3.74
CA ASN C 107 -17.69 1.35 -4.25
C ASN C 107 -18.41 2.64 -3.82
N LEU C 108 -19.18 2.58 -2.71
CA LEU C 108 -19.78 3.74 -2.10
C LEU C 108 -19.36 3.72 -0.64
N VAL C 109 -18.92 4.87 -0.08
CA VAL C 109 -18.52 4.89 1.35
C VAL C 109 -19.75 4.52 2.22
N GLU C 110 -19.51 3.78 3.31
CA GLU C 110 -20.58 3.29 4.15
C GLU C 110 -20.83 4.22 5.36
N LEU C 111 -22.06 4.68 5.50
CA LEU C 111 -22.45 5.49 6.65
C LEU C 111 -22.84 4.53 7.78
N LEU C 112 -22.32 4.78 8.99
CA LEU C 112 -22.59 3.98 10.18
C LEU C 112 -23.62 4.67 11.12
N GLY C 113 -23.60 5.99 11.17
CA GLY C 113 -24.49 6.71 12.07
C GLY C 113 -24.44 8.20 11.90
N PHE C 114 -25.05 8.92 12.85
CA PHE C 114 -25.12 10.37 12.77
C PHE C 114 -25.43 10.98 14.14
N SER C 115 -25.30 12.29 14.25
CA SER C 115 -25.66 13.05 15.44
C SER C 115 -26.38 14.29 14.94
N SER C 116 -27.52 14.64 15.56
CA SER C 116 -28.28 15.85 15.20
C SER C 116 -28.81 16.62 16.42
N ASP C 117 -28.40 16.26 17.64
CA ASP C 117 -28.86 16.95 18.85
C ASP C 117 -28.11 18.26 19.05
N GLY C 118 -28.84 19.28 19.44
CA GLY C 118 -28.30 20.62 19.61
C GLY C 118 -28.24 21.32 18.25
N ASP C 119 -27.15 22.08 18.02
CA ASP C 119 -26.94 22.80 16.76
C ASP C 119 -25.97 22.11 15.80
N ASP C 120 -25.17 21.17 16.30
CA ASP C 120 -24.19 20.48 15.48
C ASP C 120 -24.76 19.31 14.70
N LEU C 121 -24.26 19.09 13.49
CA LEU C 121 -24.72 17.98 12.65
C LEU C 121 -23.49 17.15 12.33
N CYS C 122 -23.51 15.85 12.70
CA CYS C 122 -22.37 14.96 12.47
C CYS C 122 -22.77 13.71 11.70
N LEU C 123 -21.91 13.26 10.79
CA LEU C 123 -22.15 12.04 10.02
C LEU C 123 -20.96 11.10 10.32
N VAL C 124 -21.22 9.82 10.63
CA VAL C 124 -20.18 8.86 11.02
C VAL C 124 -20.06 7.75 9.97
N TYR C 125 -18.85 7.53 9.47
CA TYR C 125 -18.57 6.59 8.40
C TYR C 125 -17.56 5.55 8.78
N VAL C 126 -17.52 4.46 8.00
CA VAL C 126 -16.43 3.49 8.11
C VAL C 126 -15.12 4.24 7.72
N TYR C 127 -14.06 4.07 8.51
CA TYR C 127 -12.80 4.77 8.26
C TYR C 127 -12.07 4.24 7.00
N MET C 128 -11.57 5.16 6.17
CA MET C 128 -10.86 4.89 4.91
C MET C 128 -9.37 5.22 5.14
N PRO C 129 -8.55 4.18 5.41
CA PRO C 129 -7.13 4.43 5.76
C PRO C 129 -6.30 5.19 4.74
N ASN C 130 -6.66 5.11 3.45
CA ASN C 130 -5.89 5.84 2.45
C ASN C 130 -6.53 7.19 2.05
N GLY C 131 -7.48 7.69 2.86
CA GLY C 131 -8.07 9.01 2.65
C GLY C 131 -8.68 9.25 1.28
N SER C 132 -8.52 10.46 0.70
CA SER C 132 -9.13 10.76 -0.60
C SER C 132 -8.15 10.53 -1.76
N LEU C 133 -8.69 10.33 -2.94
CA LEU C 133 -7.89 10.17 -4.16
C LEU C 133 -7.15 11.50 -4.45
N LEU C 134 -7.77 12.67 -4.16
CA LEU C 134 -7.13 13.98 -4.35
C LEU C 134 -5.82 14.03 -3.52
N ASP C 135 -5.93 13.58 -2.26
CA ASP C 135 -4.78 13.60 -1.37
C ASP C 135 -3.69 12.61 -1.78
N ARG C 136 -4.10 11.42 -2.26
CA ARG C 136 -3.11 10.43 -2.69
C ARG C 136 -2.42 10.84 -3.99
N LEU C 137 -3.15 11.53 -4.88
CA LEU C 137 -2.54 12.02 -6.13
C LEU C 137 -1.54 13.13 -5.83
N SER C 138 -1.78 13.95 -4.79
CA SER C 138 -0.83 15.00 -4.41
C SER C 138 0.27 14.49 -3.46
N CYS C 139 0.20 13.21 -3.03
CA CYS C 139 1.13 12.60 -2.07
C CYS C 139 1.14 13.37 -0.75
N LEU C 140 -0.01 13.89 -0.36
CA LEU C 140 -0.15 14.66 0.89
C LEU C 140 0.34 13.84 2.09
N ASP C 141 1.10 14.49 2.98
CA ASP C 141 1.63 13.86 4.19
C ASP C 141 2.67 12.75 3.94
N GLY C 142 3.26 12.75 2.76
CA GLY C 142 4.38 11.86 2.47
C GLY C 142 4.03 10.46 2.01
N THR C 143 2.79 10.27 1.56
CA THR C 143 2.38 8.94 1.09
C THR C 143 3.08 8.69 -0.27
N PRO C 144 3.39 7.43 -0.58
CA PRO C 144 4.05 7.14 -1.85
C PRO C 144 3.09 7.34 -3.02
N PRO C 145 3.63 7.73 -4.19
CA PRO C 145 2.76 7.93 -5.37
C PRO C 145 2.03 6.63 -5.73
N LEU C 146 0.78 6.76 -6.21
CA LEU C 146 0.00 5.59 -6.63
C LEU C 146 0.61 5.04 -7.93
N SER C 147 0.75 3.72 -8.04
CA SER C 147 1.25 3.11 -9.27
C SER C 147 0.19 3.22 -10.37
N TRP C 148 0.57 3.00 -11.62
CA TRP C 148 -0.41 2.97 -12.72
C TRP C 148 -1.39 1.80 -12.51
N HIS C 149 -0.88 0.66 -12.03
CA HIS C 149 -1.72 -0.50 -11.74
C HIS C 149 -2.83 -0.14 -10.73
N MET C 150 -2.47 0.56 -9.64
CA MET C 150 -3.45 0.98 -8.65
C MET C 150 -4.42 2.03 -9.24
N ARG C 151 -3.90 2.96 -10.04
CA ARG C 151 -4.75 3.99 -10.66
C ARG C 151 -5.83 3.35 -11.57
N CYS C 152 -5.47 2.28 -12.30
CA CYS C 152 -6.46 1.59 -13.14
C CYS C 152 -7.56 0.98 -12.30
N LYS C 153 -7.21 0.34 -11.18
CA LYS C 153 -8.20 -0.29 -10.28
C LYS C 153 -9.09 0.76 -9.64
N ILE C 154 -8.53 1.92 -9.30
CA ILE C 154 -9.30 3.01 -8.71
C ILE C 154 -10.28 3.59 -9.72
N ALA C 155 -9.85 3.76 -10.98
CA ALA C 155 -10.74 4.29 -12.02
C ALA C 155 -11.91 3.32 -12.25
N GLN C 156 -11.62 2.02 -12.27
CA GLN C 156 -12.64 0.99 -12.46
C GLN C 156 -13.63 0.99 -11.30
N GLY C 157 -13.11 1.03 -10.08
CA GLY C 157 -13.94 1.04 -8.87
C GLY C 157 -14.83 2.27 -8.78
N ALA C 158 -14.28 3.46 -9.08
CA ALA C 158 -15.08 4.67 -9.08
C ALA C 158 -16.20 4.60 -10.14
N ALA C 159 -15.90 4.05 -11.34
CA ALA C 159 -16.92 3.91 -12.38
C ALA C 159 -18.00 2.93 -11.93
N ASN C 160 -17.62 1.87 -11.18
CA ASN C 160 -18.59 0.90 -10.69
C ASN C 160 -19.55 1.57 -9.67
N GLY C 161 -19.01 2.45 -8.85
CA GLY C 161 -19.81 3.18 -7.86
C GLY C 161 -20.77 4.14 -8.52
N ILE C 162 -20.29 4.90 -9.53
CA ILE C 162 -21.18 5.81 -10.28
C ILE C 162 -22.25 5.00 -11.01
N ASN C 163 -21.88 3.84 -11.56
CA ASN C 163 -22.85 2.97 -12.24
C ASN C 163 -23.98 2.56 -11.28
N PHE C 164 -23.62 2.16 -10.08
CA PHE C 164 -24.61 1.77 -9.07
C PHE C 164 -25.56 2.94 -8.75
N LEU C 165 -25.01 4.15 -8.61
CA LEU C 165 -25.83 5.35 -8.37
C LEU C 165 -26.79 5.62 -9.53
N HIS C 166 -26.31 5.62 -10.79
CA HIS C 166 -27.15 5.85 -11.96
C HIS C 166 -28.19 4.73 -12.16
N GLU C 167 -27.84 3.47 -11.83
CA GLU C 167 -28.80 2.35 -11.89
C GLU C 167 -29.90 2.55 -10.85
N ASN C 168 -29.58 3.17 -9.71
CA ASN C 168 -30.54 3.47 -8.67
C ASN C 168 -31.16 4.87 -8.81
N HIS C 169 -31.11 5.44 -10.03
CA HIS C 169 -31.70 6.70 -10.43
C HIS C 169 -31.28 7.90 -9.58
N HIS C 170 -29.99 8.00 -9.26
CA HIS C 170 -29.47 9.14 -8.52
C HIS C 170 -28.37 9.81 -9.33
N ILE C 171 -28.36 11.14 -9.35
CA ILE C 171 -27.33 11.96 -9.99
C ILE C 171 -26.48 12.49 -8.81
N HIS C 172 -25.18 12.27 -8.84
CA HIS C 172 -24.31 12.70 -7.73
C HIS C 172 -24.19 14.23 -7.61
N ARG C 173 -23.88 14.90 -8.75
CA ARG C 173 -23.74 16.35 -8.88
C ARG C 173 -22.43 16.93 -8.33
N ASP C 174 -21.56 16.10 -7.74
CA ASP C 174 -20.28 16.59 -7.23
C ASP C 174 -19.17 15.54 -7.34
N ILE C 175 -19.08 14.89 -8.51
CA ILE C 175 -18.03 13.90 -8.73
C ILE C 175 -16.71 14.64 -8.87
N LYS C 176 -15.73 14.25 -8.07
CA LYS C 176 -14.40 14.86 -8.06
C LYS C 176 -13.48 13.99 -7.22
N SER C 177 -12.15 14.18 -7.37
CA SER C 177 -11.22 13.30 -6.64
C SER C 177 -11.28 13.45 -5.11
N ALA C 178 -11.73 14.61 -4.59
CA ALA C 178 -11.89 14.75 -3.14
C ALA C 178 -13.08 13.89 -2.63
N ASN C 179 -14.00 13.49 -3.54
CA ASN C 179 -15.16 12.65 -3.26
C ASN C 179 -14.99 11.20 -3.73
N ILE C 180 -13.73 10.74 -3.82
CA ILE C 180 -13.43 9.35 -4.11
C ILE C 180 -12.45 8.96 -3.02
N LEU C 181 -12.90 8.12 -2.10
CA LEU C 181 -12.10 7.70 -0.94
C LEU C 181 -11.46 6.35 -1.17
N LEU C 182 -10.43 6.03 -0.38
CA LEU C 182 -9.65 4.83 -0.62
C LEU C 182 -9.41 4.05 0.67
N ASP C 183 -9.77 2.78 0.65
CA ASP C 183 -9.56 1.95 1.84
C ASP C 183 -8.12 1.36 1.87
N GLU C 184 -7.83 0.42 2.80
CA GLU C 184 -6.50 -0.18 2.93
C GLU C 184 -5.98 -0.81 1.64
N ALA C 185 -6.89 -1.45 0.87
CA ALA C 185 -6.57 -2.10 -0.40
C ALA C 185 -6.70 -1.16 -1.62
N PHE C 186 -6.88 0.13 -1.37
CA PHE C 186 -7.10 1.16 -2.38
C PHE C 186 -8.38 0.90 -3.17
N THR C 187 -9.39 0.29 -2.54
CA THR C 187 -10.69 0.14 -3.18
C THR C 187 -11.33 1.56 -3.18
N ALA C 188 -11.81 2.00 -4.34
CA ALA C 188 -12.43 3.32 -4.49
C ALA C 188 -13.87 3.36 -3.93
N LYS C 189 -14.21 4.40 -3.17
CA LYS C 189 -15.53 4.57 -2.55
C LYS C 189 -16.00 5.99 -2.87
N ILE C 190 -17.08 6.15 -3.63
CA ILE C 190 -17.65 7.48 -3.89
C ILE C 190 -18.22 8.01 -2.56
N SER C 191 -18.05 9.29 -2.29
CA SER C 191 -18.55 9.91 -1.06
C SER C 191 -19.27 11.25 -1.37
N ASP C 192 -19.93 11.80 -0.35
CA ASP C 192 -20.62 13.08 -0.33
C ASP C 192 -21.82 13.11 -1.23
N PHE C 193 -22.91 12.63 -0.67
CA PHE C 193 -24.19 12.53 -1.37
C PHE C 193 -25.18 13.64 -0.97
N GLY C 194 -24.69 14.71 -0.31
CA GLY C 194 -25.52 15.80 0.15
C GLY C 194 -26.21 16.59 -0.95
N LEU C 195 -25.61 16.62 -2.16
CA LEU C 195 -26.20 17.32 -3.32
C LEU C 195 -26.88 16.35 -4.31
N ALA C 196 -26.86 15.04 -4.04
CA ALA C 196 -27.44 14.05 -4.94
C ALA C 196 -28.93 14.29 -5.20
N ARG C 197 -29.38 14.01 -6.43
CA ARG C 197 -30.77 14.21 -6.81
C ARG C 197 -31.33 12.93 -7.39
N ALA C 198 -32.56 12.56 -7.04
CA ALA C 198 -33.22 11.41 -7.64
C ALA C 198 -33.70 11.85 -9.05
N SER C 199 -33.38 11.06 -10.08
CA SER C 199 -33.77 11.39 -11.45
C SER C 199 -34.90 10.49 -11.92
N GLN C 204 -35.84 14.19 -20.35
CA GLN C 204 -35.92 14.08 -18.90
C GLN C 204 -35.30 15.29 -18.21
N TPO C 205 -34.07 15.68 -18.62
CA TPO C 205 -33.28 16.82 -18.12
CB TPO C 205 -32.32 17.27 -19.22
CG2 TPO C 205 -31.44 18.40 -18.72
OG1 TPO C 205 -31.51 16.15 -19.63
P TPO C 205 -31.64 15.94 -21.17
O1P TPO C 205 -33.06 15.50 -21.58
O2P TPO C 205 -31.37 17.20 -21.93
O3P TPO C 205 -30.59 14.91 -21.58
C TPO C 205 -34.11 18.01 -17.60
O TPO C 205 -34.95 18.54 -18.32
N VAL C 206 -33.88 18.40 -16.35
CA VAL C 206 -34.58 19.50 -15.69
C VAL C 206 -33.60 20.63 -15.34
N MET C 207 -34.11 21.82 -14.97
CA MET C 207 -33.28 22.94 -14.59
C MET C 207 -33.42 23.27 -13.11
N TPO C 208 -32.38 23.83 -12.52
CA TPO C 208 -32.41 24.25 -11.14
CB TPO C 208 -31.46 23.45 -10.19
CG2 TPO C 208 -29.98 23.56 -10.62
OG1 TPO C 208 -31.55 23.90 -8.82
P TPO C 208 -32.80 23.41 -7.98
O1P TPO C 208 -33.52 22.13 -8.46
O2P TPO C 208 -32.21 23.21 -6.61
O3P TPO C 208 -33.77 24.49 -8.08
C TPO C 208 -32.04 25.71 -11.07
O TPO C 208 -31.31 26.21 -11.92
N SEP C 209 -32.54 26.41 -10.05
CA SEP C 209 -32.20 27.81 -9.84
CB SEP C 209 -33.41 28.62 -9.42
OG SEP C 209 -33.82 28.11 -8.13
C SEP C 209 -31.03 27.96 -8.86
O SEP C 209 -30.58 29.08 -8.63
P SEP C 209 -35.00 28.96 -7.57
O1P SEP C 209 -36.22 28.77 -8.45
O2P SEP C 209 -35.29 28.42 -6.18
O3P SEP C 209 -34.65 30.45 -7.45
N ARG C 210 -30.53 26.86 -8.29
CA ARG C 210 -29.41 26.90 -7.37
C ARG C 210 -28.27 26.06 -7.98
N ILE C 211 -27.42 26.70 -8.78
CA ILE C 211 -26.33 25.99 -9.44
C ILE C 211 -25.29 25.60 -8.41
N VAL C 212 -25.11 24.28 -8.21
CA VAL C 212 -24.15 23.75 -7.25
C VAL C 212 -23.18 22.79 -7.93
N GLY C 213 -22.04 22.57 -7.28
CA GLY C 213 -21.00 21.71 -7.78
C GLY C 213 -19.65 22.39 -7.67
N THR C 214 -18.62 21.74 -8.19
CA THR C 214 -17.27 22.30 -8.14
C THR C 214 -16.91 22.74 -9.56
N THR C 215 -16.78 24.04 -9.81
CA THR C 215 -16.56 24.63 -11.14
C THR C 215 -15.58 23.89 -12.06
N ALA C 216 -14.37 23.55 -11.55
CA ALA C 216 -13.34 22.89 -12.36
C ALA C 216 -13.73 21.51 -12.88
N TYR C 217 -14.77 20.90 -12.32
CA TYR C 217 -15.24 19.58 -12.73
C TYR C 217 -16.58 19.62 -13.48
N MET C 218 -17.22 20.78 -13.57
CA MET C 218 -18.55 20.87 -14.12
C MET C 218 -18.65 20.93 -15.63
N ALA C 219 -19.60 20.16 -16.13
CA ALA C 219 -19.98 20.13 -17.54
C ALA C 219 -20.59 21.50 -17.90
N PRO C 220 -20.50 21.92 -19.18
CA PRO C 220 -21.13 23.19 -19.57
C PRO C 220 -22.60 23.28 -19.22
N GLU C 221 -23.38 22.21 -19.45
CA GLU C 221 -24.80 22.24 -19.16
C GLU C 221 -25.11 22.34 -17.67
N ALA C 222 -24.21 21.78 -16.80
CA ALA C 222 -24.38 21.89 -15.36
C ALA C 222 -24.11 23.34 -14.93
N LEU C 223 -23.13 24.01 -15.54
CA LEU C 223 -22.87 25.43 -15.26
C LEU C 223 -24.06 26.34 -15.66
N ARG C 224 -24.91 25.86 -16.57
CA ARG C 224 -26.10 26.57 -16.99
C ARG C 224 -27.35 26.28 -16.15
N GLY C 225 -27.26 25.32 -15.23
CA GLY C 225 -28.39 24.97 -14.37
C GLY C 225 -29.07 23.68 -14.74
N GLU C 226 -28.57 22.92 -15.75
CA GLU C 226 -29.21 21.64 -16.10
C GLU C 226 -28.83 20.58 -15.08
N ILE C 227 -29.75 19.66 -14.80
CA ILE C 227 -29.53 18.53 -13.90
C ILE C 227 -29.75 17.26 -14.73
N THR C 228 -28.66 16.51 -14.96
CA THR C 228 -28.67 15.29 -15.78
C THR C 228 -27.51 14.37 -15.38
N PRO C 229 -27.70 13.02 -15.43
CA PRO C 229 -26.57 12.12 -15.13
C PRO C 229 -25.43 12.27 -16.14
N LYS C 230 -25.70 12.87 -17.35
CA LYS C 230 -24.62 13.11 -18.33
C LYS C 230 -23.54 14.04 -17.76
N SER C 231 -23.91 14.93 -16.80
CA SER C 231 -22.94 15.83 -16.19
C SER C 231 -21.98 15.08 -15.26
N ASP C 232 -22.46 14.01 -14.59
CA ASP C 232 -21.59 13.20 -13.74
C ASP C 232 -20.50 12.53 -14.62
N ILE C 233 -20.84 12.14 -15.87
CA ILE C 233 -19.89 11.52 -16.79
C ILE C 233 -18.77 12.51 -17.11
N TYR C 234 -19.14 13.76 -17.42
CA TYR C 234 -18.16 14.81 -17.71
C TYR C 234 -17.21 15.00 -16.53
N SER C 235 -17.75 15.14 -15.30
CA SER C 235 -16.92 15.31 -14.09
C SER C 235 -15.98 14.11 -13.88
N PHE C 236 -16.48 12.89 -14.15
CA PHE C 236 -15.65 11.69 -14.08
C PHE C 236 -14.48 11.76 -15.10
N GLY C 237 -14.71 12.39 -16.26
CA GLY C 237 -13.66 12.57 -17.26
C GLY C 237 -12.54 13.45 -16.73
N VAL C 238 -12.88 14.50 -15.96
CA VAL C 238 -11.87 15.36 -15.32
C VAL C 238 -11.10 14.51 -14.30
N VAL C 239 -11.79 13.66 -13.52
CA VAL C 239 -11.11 12.75 -12.56
C VAL C 239 -10.11 11.85 -13.29
N LEU C 240 -10.51 11.28 -14.43
CA LEU C 240 -9.58 10.46 -15.22
C LEU C 240 -8.34 11.24 -15.66
N LEU C 241 -8.47 12.53 -16.05
CA LEU C 241 -7.29 13.36 -16.35
C LEU C 241 -6.42 13.55 -15.11
N GLU C 242 -7.05 13.75 -13.92
CA GLU C 242 -6.25 13.85 -12.68
C GLU C 242 -5.48 12.57 -12.42
N ILE C 243 -6.10 11.42 -12.66
CA ILE C 243 -5.44 10.13 -12.45
C ILE C 243 -4.25 9.95 -13.41
N ILE C 244 -4.42 10.31 -14.69
CA ILE C 244 -3.33 10.17 -15.67
C ILE C 244 -2.13 11.11 -15.37
N THR C 245 -2.44 12.36 -15.05
CA THR C 245 -1.43 13.42 -14.91
C THR C 245 -0.93 13.68 -13.52
N GLY C 246 -1.71 13.33 -12.50
CA GLY C 246 -1.40 13.68 -11.12
C GLY C 246 -1.59 15.16 -10.80
N LEU C 247 -2.18 15.91 -11.73
CA LEU C 247 -2.39 17.35 -11.57
C LEU C 247 -3.79 17.62 -10.99
N PRO C 248 -3.92 18.65 -10.14
CA PRO C 248 -5.26 19.03 -9.68
C PRO C 248 -6.11 19.63 -10.82
N ALA C 249 -7.43 19.48 -10.76
CA ALA C 249 -8.36 19.99 -11.76
C ALA C 249 -8.22 21.49 -11.99
N VAL C 250 -7.86 22.24 -10.96
CA VAL C 250 -7.64 23.67 -11.09
C VAL C 250 -6.41 24.06 -10.25
N ASP C 251 -5.59 24.92 -10.80
CA ASP C 251 -4.43 25.45 -10.11
C ASP C 251 -4.28 26.85 -10.65
N GLU C 252 -4.61 27.85 -9.83
CA GLU C 252 -4.54 29.24 -10.27
C GLU C 252 -3.13 29.71 -10.58
N HIS C 253 -2.10 29.00 -10.07
CA HIS C 253 -0.71 29.34 -10.37
C HIS C 253 -0.11 28.42 -11.46
N ARG C 254 -0.97 27.85 -12.33
CA ARG C 254 -0.53 26.98 -13.42
C ARG C 254 -1.09 27.45 -14.76
N GLU C 255 -0.41 27.11 -15.87
CA GLU C 255 -0.90 27.38 -17.22
C GLU C 255 -0.94 26.03 -17.92
N PRO C 256 -2.13 25.51 -18.31
CA PRO C 256 -3.47 26.12 -18.16
C PRO C 256 -4.02 25.93 -16.75
N GLN C 257 -4.82 26.89 -16.28
CA GLN C 257 -5.36 26.83 -14.93
C GLN C 257 -6.30 25.65 -14.78
N LEU C 258 -7.13 25.37 -15.79
CA LEU C 258 -8.07 24.26 -15.75
C LEU C 258 -7.52 23.06 -16.49
N LEU C 259 -7.41 21.93 -15.78
CA LEU C 259 -6.90 20.69 -16.33
C LEU C 259 -7.68 20.21 -17.57
N LEU C 260 -9.02 20.41 -17.59
CA LEU C 260 -9.83 19.98 -18.72
C LEU C 260 -9.37 20.60 -20.06
N ASP C 261 -8.67 21.75 -20.02
CA ASP C 261 -8.15 22.41 -21.22
C ASP C 261 -7.02 21.62 -21.92
N ILE C 262 -6.45 20.61 -21.24
CA ILE C 262 -5.42 19.74 -21.80
C ILE C 262 -5.96 18.99 -23.02
N LYS C 263 -7.24 18.62 -23.01
CA LYS C 263 -7.87 17.93 -24.13
C LYS C 263 -7.75 18.76 -25.43
N GLU C 264 -8.00 20.07 -25.36
CA GLU C 264 -7.91 20.99 -26.50
C GLU C 264 -6.46 21.08 -26.99
N GLU C 265 -5.49 21.10 -26.08
CA GLU C 265 -4.07 21.15 -26.45
C GLU C 265 -3.68 19.88 -27.21
N ILE C 266 -4.10 18.72 -26.72
CA ILE C 266 -3.78 17.44 -27.34
C ILE C 266 -4.48 17.29 -28.70
N GLU C 267 -5.76 17.66 -28.79
CA GLU C 267 -6.51 17.61 -30.04
C GLU C 267 -5.93 18.53 -31.10
N ASP C 268 -5.52 19.75 -30.70
CA ASP C 268 -4.90 20.69 -31.64
C ASP C 268 -3.41 20.41 -31.91
N GLU C 269 -2.89 19.26 -31.45
CA GLU C 269 -1.52 18.81 -31.61
C GLU C 269 -0.47 19.77 -31.03
N GLU C 270 -0.88 20.65 -30.11
CA GLU C 270 0.07 21.53 -29.41
C GLU C 270 0.90 20.72 -28.38
N LYS C 271 0.35 19.58 -27.91
CA LYS C 271 0.95 18.66 -26.95
C LYS C 271 0.39 17.23 -27.12
N THR C 272 1.02 16.25 -26.47
CA THR C 272 0.56 14.85 -26.51
C THR C 272 0.20 14.41 -25.07
N ILE C 273 -0.53 13.29 -24.92
CA ILE C 273 -0.85 12.79 -23.57
C ILE C 273 0.46 12.39 -22.85
N GLU C 274 1.49 11.95 -23.61
CA GLU C 274 2.80 11.59 -23.04
C GLU C 274 3.46 12.78 -22.36
N ASP C 275 3.25 14.01 -22.87
CA ASP C 275 3.79 15.22 -22.24
C ASP C 275 3.16 15.50 -20.86
N TYR C 276 1.94 14.98 -20.63
CA TYR C 276 1.21 15.22 -19.39
C TYR C 276 1.17 14.04 -18.43
N ILE C 277 1.61 12.83 -18.85
CA ILE C 277 1.59 11.66 -17.96
C ILE C 277 2.36 11.94 -16.67
N ASP C 278 1.78 11.59 -15.51
CA ASP C 278 2.43 11.77 -14.21
C ASP C 278 3.82 11.12 -14.20
N LYS C 279 4.85 11.91 -13.95
CA LYS C 279 6.22 11.39 -13.88
C LYS C 279 6.48 10.57 -12.60
N LYS C 280 5.56 10.65 -11.61
CA LYS C 280 5.67 9.94 -10.35
C LYS C 280 5.18 8.48 -10.42
N MET C 281 5.29 7.86 -11.61
CA MET C 281 4.95 6.44 -11.79
C MET C 281 6.09 5.82 -12.57
N ASN C 282 6.33 4.51 -12.39
CA ASN C 282 7.35 3.82 -13.21
C ASN C 282 6.73 2.67 -14.05
N ASP C 283 5.42 2.38 -13.88
CA ASP C 283 4.76 1.25 -14.53
C ASP C 283 3.66 1.61 -15.51
N ALA C 284 3.63 2.84 -16.04
CA ALA C 284 2.59 3.25 -16.96
C ALA C 284 2.90 2.92 -18.41
N ASP C 285 2.30 1.85 -18.96
CA ASP C 285 2.51 1.54 -20.37
C ASP C 285 1.68 2.48 -21.28
N SER C 286 2.22 2.87 -22.45
CA SER C 286 1.56 3.78 -23.39
C SER C 286 0.18 3.32 -23.84
N THR C 287 0.02 2.02 -24.11
CA THR C 287 -1.26 1.47 -24.59
C THR C 287 -2.41 1.68 -23.61
N SER C 288 -2.25 1.29 -22.33
CA SER C 288 -3.34 1.45 -21.37
C SER C 288 -3.54 2.91 -20.96
N VAL C 289 -2.47 3.74 -21.00
CA VAL C 289 -2.61 5.18 -20.74
C VAL C 289 -3.45 5.82 -21.85
N GLU C 290 -3.15 5.46 -23.11
CA GLU C 290 -3.90 5.98 -24.25
C GLU C 290 -5.36 5.51 -24.19
N ALA C 291 -5.61 4.28 -23.69
CA ALA C 291 -6.97 3.77 -23.53
C ALA C 291 -7.72 4.57 -22.45
N MET C 292 -7.06 4.87 -21.31
CA MET C 292 -7.73 5.68 -20.28
C MET C 292 -7.98 7.10 -20.79
N TYR C 293 -7.00 7.67 -21.52
CA TYR C 293 -7.18 9.00 -22.09
C TYR C 293 -8.35 9.03 -23.08
N SER C 294 -8.50 8.01 -23.90
CA SER C 294 -9.61 7.93 -24.85
C SER C 294 -10.97 7.92 -24.12
N VAL C 295 -11.07 7.21 -22.98
CA VAL C 295 -12.29 7.21 -22.16
C VAL C 295 -12.53 8.63 -21.63
N ALA C 296 -11.49 9.26 -21.06
CA ALA C 296 -11.59 10.64 -20.52
C ALA C 296 -12.04 11.63 -21.61
N SER C 297 -11.45 11.56 -22.81
CA SER C 297 -11.78 12.42 -23.93
C SER C 297 -13.25 12.27 -24.32
N GLN C 298 -13.76 11.02 -24.33
CA GLN C 298 -15.15 10.74 -24.65
C GLN C 298 -16.10 11.31 -23.58
N CYS C 299 -15.73 11.16 -22.30
CA CYS C 299 -16.51 11.71 -21.17
C CYS C 299 -16.60 13.24 -21.26
N LEU C 300 -15.51 13.87 -21.73
CA LEU C 300 -15.38 15.33 -21.82
C LEU C 300 -15.94 15.95 -23.08
N HIS C 301 -16.79 15.23 -23.83
CA HIS C 301 -17.41 15.80 -25.04
C HIS C 301 -18.27 16.98 -24.59
N GLU C 302 -18.11 18.11 -25.24
CA GLU C 302 -18.84 19.33 -24.86
C GLU C 302 -20.37 19.14 -25.00
N LYS C 303 -20.80 18.33 -26.00
CA LYS C 303 -22.21 18.02 -26.23
C LYS C 303 -22.58 16.84 -25.34
N LYS C 304 -23.48 17.07 -24.39
CA LYS C 304 -23.90 16.07 -23.44
C LYS C 304 -24.38 14.75 -24.07
N ASN C 305 -25.12 14.81 -25.20
CA ASN C 305 -25.65 13.60 -25.84
C ASN C 305 -24.61 12.74 -26.56
N LYS C 306 -23.39 13.28 -26.78
CA LYS C 306 -22.31 12.54 -27.43
C LYS C 306 -21.41 11.82 -26.43
N ARG C 307 -21.58 12.05 -25.12
CA ARG C 307 -20.80 11.37 -24.10
C ARG C 307 -21.31 9.94 -23.94
N PRO C 308 -20.42 9.00 -23.60
CA PRO C 308 -20.90 7.64 -23.31
C PRO C 308 -21.72 7.64 -22.00
N ASP C 309 -22.60 6.64 -21.81
CA ASP C 309 -23.26 6.50 -20.51
C ASP C 309 -22.29 5.76 -19.55
N ILE C 310 -22.61 5.69 -18.25
CA ILE C 310 -21.69 5.06 -17.28
C ILE C 310 -21.44 3.57 -17.58
N LYS C 311 -22.41 2.86 -18.18
CA LYS C 311 -22.22 1.43 -18.51
C LYS C 311 -21.10 1.27 -19.55
N LYS C 312 -21.10 2.15 -20.54
CA LYS C 312 -20.09 2.15 -21.61
C LYS C 312 -18.72 2.52 -21.02
N VAL C 313 -18.68 3.48 -20.10
CA VAL C 313 -17.43 3.87 -19.43
C VAL C 313 -16.83 2.67 -18.67
N GLN C 314 -17.68 1.94 -17.94
CA GLN C 314 -17.26 0.76 -17.19
C GLN C 314 -16.64 -0.29 -18.12
N GLN C 315 -17.30 -0.54 -19.25
CA GLN C 315 -16.89 -1.50 -20.24
C GLN C 315 -15.56 -1.11 -20.85
N LEU C 316 -15.38 0.16 -21.21
CA LEU C 316 -14.11 0.62 -21.77
C LEU C 316 -12.97 0.52 -20.75
N LEU C 317 -13.23 0.85 -19.48
CA LEU C 317 -12.20 0.75 -18.44
C LEU C 317 -11.85 -0.71 -18.15
N GLN C 318 -12.81 -1.64 -18.30
CA GLN C 318 -12.52 -3.07 -18.13
C GLN C 318 -11.67 -3.57 -19.29
N GLU C 319 -11.99 -3.16 -20.54
CA GLU C 319 -11.21 -3.55 -21.72
C GLU C 319 -9.77 -3.02 -21.67
N MET C 320 -9.55 -1.88 -20.99
CA MET C 320 -8.26 -1.25 -20.81
C MET C 320 -7.26 -2.19 -20.11
N THR C 321 -7.72 -3.02 -19.15
CA THR C 321 -6.84 -3.94 -18.42
C THR C 321 -7.02 -5.42 -18.82
N ALA C 322 -7.94 -5.74 -19.74
CA ALA C 322 -8.18 -7.12 -20.14
C ALA C 322 -7.10 -7.67 -21.07
N ARG D 27 25.74 11.84 18.12
CA ARG D 27 25.02 11.66 16.85
C ARG D 27 23.54 11.29 17.06
N PHE D 28 23.28 10.48 18.08
CA PHE D 28 21.91 10.12 18.43
C PHE D 28 21.42 11.04 19.56
N HIS D 29 20.12 11.36 19.58
CA HIS D 29 19.55 12.23 20.61
C HIS D 29 19.34 11.52 21.95
N SER D 30 19.78 12.14 23.03
CA SER D 30 19.60 11.56 24.37
C SER D 30 18.31 12.10 24.95
N PHE D 31 17.29 11.25 25.04
CA PHE D 31 16.00 11.62 25.61
C PHE D 31 15.95 11.32 27.11
N SER D 32 15.16 12.09 27.83
CA SER D 32 14.86 11.79 29.22
C SER D 32 13.71 10.75 29.16
N PHE D 33 13.72 9.77 30.06
CA PHE D 33 12.69 8.73 30.11
C PHE D 33 11.27 9.33 30.20
N TYR D 34 11.10 10.39 31.05
CA TYR D 34 9.80 11.04 31.21
C TYR D 34 9.25 11.55 29.86
N GLU D 35 10.14 12.02 28.95
CA GLU D 35 9.69 12.53 27.65
C GLU D 35 9.09 11.37 26.84
N LEU D 36 9.75 10.21 26.83
CA LEU D 36 9.29 9.06 26.06
C LEU D 36 8.03 8.44 26.68
N LYS D 37 7.92 8.49 28.03
CA LYS D 37 6.70 8.04 28.71
C LYS D 37 5.54 8.96 28.29
N ASN D 38 5.78 10.27 28.21
CA ASN D 38 4.77 11.22 27.78
C ASN D 38 4.34 11.04 26.31
N VAL D 39 5.29 10.93 25.36
CA VAL D 39 4.94 10.85 23.93
C VAL D 39 4.32 9.51 23.52
N THR D 40 4.44 8.47 24.34
CA THR D 40 3.80 7.17 24.06
C THR D 40 2.51 6.97 24.87
N ASN D 41 1.93 8.05 25.44
CA ASN D 41 0.74 7.97 26.28
C ASN D 41 0.92 6.97 27.43
N ASN D 42 2.03 7.13 28.18
CA ASN D 42 2.42 6.28 29.30
C ASN D 42 2.58 4.83 28.81
N PHE D 43 3.29 4.63 27.68
CA PHE D 43 3.50 3.31 27.09
C PHE D 43 2.17 2.52 26.98
N ASP D 44 1.17 3.16 26.37
CA ASP D 44 -0.19 2.61 26.29
C ASP D 44 -0.20 1.28 25.58
N GLU D 45 -0.64 0.25 26.30
CA GLU D 45 -0.60 -1.13 25.85
C GLU D 45 -1.66 -1.53 24.83
N ARG D 46 -2.65 -0.69 24.57
CA ARG D 46 -3.64 -1.05 23.54
C ARG D 46 -2.96 -0.98 22.16
N PRO D 47 -3.37 -1.83 21.21
CA PRO D 47 -2.77 -1.78 19.87
C PRO D 47 -3.00 -0.42 19.19
N ILE D 48 -2.08 0.00 18.31
CA ILE D 48 -2.28 1.27 17.57
C ILE D 48 -3.55 1.22 16.73
N SER D 49 -3.95 0.02 16.25
CA SER D 49 -5.14 -0.16 15.43
C SER D 49 -6.45 0.22 16.17
N VAL D 50 -6.42 0.32 17.52
CA VAL D 50 -7.61 0.74 18.27
C VAL D 50 -7.38 2.03 19.08
N GLY D 51 -6.37 2.83 18.69
CA GLY D 51 -6.12 4.10 19.38
C GLY D 51 -5.06 4.12 20.45
N GLY D 52 -4.44 2.96 20.68
CA GLY D 52 -3.38 2.84 21.67
C GLY D 52 -2.02 3.15 21.07
N ASN D 53 -0.96 2.72 21.75
CA ASN D 53 0.39 2.99 21.26
C ASN D 53 1.23 1.75 21.01
N LYS D 54 0.73 0.54 21.29
CA LYS D 54 1.53 -0.65 21.15
C LYS D 54 1.59 -1.12 19.70
N MET D 55 2.81 -1.27 19.19
CA MET D 55 3.04 -1.70 17.81
C MET D 55 3.45 -3.17 17.72
N GLY D 56 4.28 -3.62 18.66
CA GLY D 56 4.77 -4.99 18.63
C GLY D 56 5.61 -5.35 19.82
N GLU D 57 6.19 -6.54 19.78
CA GLU D 57 6.98 -7.06 20.87
C GLU D 57 8.04 -8.01 20.37
N GLY D 58 9.08 -8.16 21.19
CA GLY D 58 10.13 -9.14 21.01
C GLY D 58 10.45 -9.82 22.33
N GLY D 59 11.53 -10.61 22.34
CA GLY D 59 11.96 -11.28 23.56
C GLY D 59 12.60 -10.33 24.56
N PHE D 60 13.04 -9.14 24.10
CA PHE D 60 13.72 -8.20 24.98
C PHE D 60 13.07 -6.83 25.11
N GLY D 61 11.86 -6.66 24.60
CA GLY D 61 11.19 -5.37 24.67
C GLY D 61 9.86 -5.26 23.98
N VAL D 62 9.18 -4.14 24.24
CA VAL D 62 7.89 -3.84 23.64
C VAL D 62 8.04 -2.53 22.85
N VAL D 63 7.44 -2.47 21.64
CA VAL D 63 7.56 -1.34 20.73
C VAL D 63 6.31 -0.49 20.76
N TYR D 64 6.46 0.81 20.99
CA TYR D 64 5.37 1.77 21.07
C TYR D 64 5.52 2.92 20.06
N LYS D 65 4.40 3.41 19.54
CA LYS D 65 4.36 4.56 18.66
C LYS D 65 4.35 5.84 19.47
N GLY D 66 5.04 6.87 19.01
CA GLY D 66 5.07 8.15 19.69
C GLY D 66 5.23 9.29 18.69
N TYR D 67 5.07 10.54 19.16
CA TYR D 67 5.30 11.71 18.32
C TYR D 67 6.18 12.66 19.09
N VAL D 68 7.33 13.04 18.51
CA VAL D 68 8.27 13.98 19.13
C VAL D 68 8.55 15.06 18.10
N ASN D 69 8.31 16.34 18.38
CA ASN D 69 8.62 17.44 17.44
C ASN D 69 8.06 17.18 16.01
N ASN D 70 6.76 16.79 15.93
CA ASN D 70 6.02 16.44 14.71
C ASN D 70 6.53 15.19 13.98
N THR D 71 7.52 14.50 14.54
CA THR D 71 8.08 13.31 13.97
C THR D 71 7.44 12.08 14.59
N THR D 72 6.93 11.17 13.76
CA THR D 72 6.39 9.91 14.29
C THR D 72 7.59 9.03 14.56
N VAL D 73 7.64 8.40 15.75
CA VAL D 73 8.76 7.56 16.11
C VAL D 73 8.26 6.22 16.69
N ALA D 74 9.16 5.22 16.73
CA ALA D 74 8.91 3.96 17.41
C ALA D 74 9.84 3.94 18.59
N VAL D 75 9.32 3.65 19.78
CA VAL D 75 10.10 3.58 21.01
C VAL D 75 10.09 2.13 21.48
N LYS D 76 11.27 1.50 21.53
CA LYS D 76 11.37 0.16 22.08
C LYS D 76 11.81 0.29 23.53
N LYS D 77 10.98 -0.18 24.45
CA LYS D 77 11.27 -0.14 25.88
C LYS D 77 11.76 -1.54 26.25
N LEU D 78 13.02 -1.65 26.65
CA LEU D 78 13.61 -2.93 26.99
C LEU D 78 13.07 -3.55 28.27
N ALA D 79 12.89 -4.87 28.21
CA ALA D 79 12.32 -5.79 29.20
C ALA D 79 10.84 -5.54 29.43
N THR D 85 18.47 -11.04 32.49
CA THR D 85 19.53 -10.42 33.29
C THR D 85 19.70 -8.94 32.95
N THR D 86 19.65 -8.07 33.98
CA THR D 86 19.80 -6.61 33.83
C THR D 86 21.10 -6.21 33.14
N GLU D 87 22.20 -6.90 33.48
CA GLU D 87 23.50 -6.62 32.86
C GLU D 87 23.53 -7.05 31.40
N GLU D 88 22.96 -8.22 31.07
CA GLU D 88 22.91 -8.69 29.70
C GLU D 88 22.04 -7.75 28.84
N LEU D 89 20.95 -7.23 29.42
CA LEU D 89 20.06 -6.29 28.73
C LEU D 89 20.77 -4.96 28.46
N LYS D 90 21.58 -4.50 29.41
CA LYS D 90 22.35 -3.26 29.25
C LYS D 90 23.40 -3.44 28.15
N GLN D 91 24.01 -4.62 28.06
CA GLN D 91 25.01 -4.88 27.02
C GLN D 91 24.39 -4.89 25.63
N GLN D 92 23.16 -5.40 25.52
CA GLN D 92 22.44 -5.42 24.25
C GLN D 92 22.04 -4.02 23.83
N PHE D 93 21.69 -3.16 24.80
CA PHE D 93 21.35 -1.75 24.56
C PHE D 93 22.59 -1.06 24.01
N ASP D 94 23.74 -1.25 24.69
CA ASP D 94 24.99 -0.63 24.25
C ASP D 94 25.41 -1.13 22.88
N GLN D 95 25.23 -2.44 22.62
CA GLN D 95 25.60 -3.06 21.36
C GLN D 95 24.75 -2.52 20.22
N GLU D 96 23.43 -2.34 20.45
CA GLU D 96 22.52 -1.79 19.42
C GLU D 96 23.02 -0.39 19.01
N ILE D 97 23.33 0.47 20.00
CA ILE D 97 23.80 1.82 19.73
C ILE D 97 25.12 1.78 18.96
N LYS D 98 26.06 0.94 19.39
CA LYS D 98 27.37 0.81 18.76
C LYS D 98 27.24 0.38 17.28
N VAL D 99 26.39 -0.60 16.99
CA VAL D 99 26.19 -1.07 15.62
C VAL D 99 25.50 -0.02 14.76
N MET D 100 24.46 0.65 15.30
CA MET D 100 23.72 1.71 14.60
C MET D 100 24.60 2.95 14.31
N ALA D 101 25.59 3.19 15.18
CA ALA D 101 26.52 4.31 14.94
C ALA D 101 27.44 3.99 13.75
N LYS D 102 27.78 2.72 13.53
CA LYS D 102 28.71 2.30 12.47
C LYS D 102 28.01 2.00 11.14
N CYS D 103 26.77 1.49 11.21
CA CYS D 103 26.04 1.00 10.04
C CYS D 103 24.81 1.82 9.67
N GLN D 104 24.90 2.57 8.58
CA GLN D 104 23.77 3.36 8.05
C GLN D 104 23.54 2.91 6.61
N HIS D 105 22.32 2.48 6.28
CA HIS D 105 22.03 1.98 4.93
C HIS D 105 20.52 1.95 4.76
N GLU D 106 20.04 2.15 3.53
CA GLU D 106 18.58 2.17 3.28
C GLU D 106 17.87 0.87 3.61
N ASN D 107 18.59 -0.25 3.72
CA ASN D 107 17.93 -1.50 4.11
C ASN D 107 18.22 -1.90 5.58
N LEU D 108 18.59 -0.91 6.43
CA LEU D 108 18.75 -1.06 7.87
C LEU D 108 17.89 0.00 8.54
N VAL D 109 17.11 -0.37 9.57
CA VAL D 109 16.29 0.63 10.28
C VAL D 109 17.22 1.67 10.96
N GLU D 110 16.78 2.94 10.99
CA GLU D 110 17.57 4.03 11.53
C GLU D 110 17.21 4.36 12.99
N LEU D 111 18.21 4.39 13.84
CA LEU D 111 18.05 4.78 15.23
C LEU D 111 18.17 6.32 15.30
N LEU D 112 17.24 6.96 16.01
CA LEU D 112 17.21 8.41 16.22
C LEU D 112 17.75 8.83 17.59
N GLY D 113 17.54 7.99 18.59
CA GLY D 113 17.96 8.33 19.93
C GLY D 113 17.74 7.23 20.93
N PHE D 114 17.91 7.56 22.20
CA PHE D 114 17.80 6.58 23.26
C PHE D 114 17.54 7.28 24.60
N SER D 115 17.17 6.51 25.60
CA SER D 115 17.02 7.00 26.95
C SER D 115 17.68 5.98 27.87
N SER D 116 18.52 6.43 28.78
CA SER D 116 19.21 5.55 29.72
C SER D 116 19.14 6.02 31.18
N ASP D 117 18.45 7.14 31.46
CA ASP D 117 18.37 7.67 32.82
C ASP D 117 17.45 6.83 33.70
N GLY D 118 17.96 6.45 34.87
CA GLY D 118 17.22 5.60 35.79
C GLY D 118 17.39 4.12 35.50
N ASP D 119 16.28 3.39 35.29
CA ASP D 119 16.35 1.94 35.09
C ASP D 119 15.79 1.43 33.74
N ASP D 120 14.66 1.98 33.25
CA ASP D 120 14.07 1.51 31.99
C ASP D 120 14.74 2.07 30.71
N LEU D 121 15.50 1.22 30.02
CA LEU D 121 16.22 1.57 28.79
C LEU D 121 15.30 1.67 27.58
N CYS D 122 15.43 2.73 26.78
CA CYS D 122 14.58 2.91 25.60
C CYS D 122 15.43 3.22 24.37
N LEU D 123 15.07 2.68 23.21
CA LEU D 123 15.72 2.98 21.93
C LEU D 123 14.62 3.58 21.03
N VAL D 124 14.92 4.69 20.36
CA VAL D 124 13.96 5.45 19.52
C VAL D 124 14.37 5.33 18.05
N TYR D 125 13.45 4.96 17.18
CA TYR D 125 13.73 4.75 15.76
C TYR D 125 12.81 5.55 14.86
N VAL D 126 13.20 5.68 13.58
CA VAL D 126 12.33 6.21 12.53
C VAL D 126 11.11 5.26 12.43
N TYR D 127 9.93 5.82 12.33
CA TYR D 127 8.70 5.03 12.28
C TYR D 127 8.55 4.33 10.93
N MET D 128 8.17 3.02 10.96
CA MET D 128 7.97 2.14 9.81
C MET D 128 6.47 1.91 9.65
N PRO D 129 5.80 2.70 8.80
CA PRO D 129 4.34 2.60 8.71
C PRO D 129 3.75 1.23 8.38
N ASN D 130 4.54 0.37 7.70
CA ASN D 130 4.02 -0.98 7.38
C ASN D 130 4.51 -2.07 8.34
N GLY D 131 5.04 -1.67 9.49
CA GLY D 131 5.41 -2.61 10.56
C GLY D 131 6.39 -3.69 10.13
N SER D 132 6.22 -4.91 10.64
CA SER D 132 7.15 -5.99 10.34
C SER D 132 6.67 -6.89 9.22
N LEU D 133 7.61 -7.54 8.56
CA LEU D 133 7.29 -8.52 7.49
C LEU D 133 6.47 -9.68 8.09
N LEU D 134 6.75 -10.08 9.36
CA LEU D 134 6.01 -11.16 10.03
C LEU D 134 4.51 -10.76 10.07
N ASP D 135 4.25 -9.51 10.50
CA ASP D 135 2.88 -9.05 10.63
C ASP D 135 2.20 -8.88 9.28
N ARG D 136 2.94 -8.44 8.24
CA ARG D 136 2.31 -8.28 6.92
C ARG D 136 2.04 -9.65 6.26
N LEU D 137 2.90 -10.64 6.53
CA LEU D 137 2.68 -11.99 5.99
C LEU D 137 1.45 -12.61 6.68
N SER D 138 1.24 -12.32 7.99
CA SER D 138 0.06 -12.86 8.67
C SER D 138 -1.20 -12.01 8.44
N CYS D 139 -1.06 -10.85 7.77
CA CYS D 139 -2.13 -9.88 7.53
C CYS D 139 -2.72 -9.40 8.85
N LEU D 140 -1.89 -9.26 9.88
CA LEU D 140 -2.29 -8.78 11.21
C LEU D 140 -3.00 -7.43 11.09
N ASP D 141 -4.10 -7.25 11.86
CA ASP D 141 -4.90 -6.02 11.84
C ASP D 141 -5.64 -5.75 10.51
N GLY D 142 -5.79 -6.78 9.68
CA GLY D 142 -6.56 -6.68 8.45
C GLY D 142 -5.90 -6.05 7.25
N THR D 143 -4.55 -6.00 7.26
CA THR D 143 -3.83 -5.43 6.12
C THR D 143 -3.95 -6.37 4.92
N PRO D 144 -3.98 -5.82 3.70
CA PRO D 144 -4.11 -6.68 2.51
C PRO D 144 -2.87 -7.55 2.31
N PRO D 145 -3.07 -8.78 1.78
CA PRO D 145 -1.91 -9.65 1.54
C PRO D 145 -0.91 -9.00 0.58
N LEU D 146 0.40 -9.25 0.81
CA LEU D 146 1.44 -8.73 -0.07
C LEU D 146 1.40 -9.52 -1.39
N SER D 147 1.51 -8.81 -2.51
CA SER D 147 1.58 -9.46 -3.83
C SER D 147 2.91 -10.21 -3.96
N TRP D 148 3.01 -11.12 -4.94
CA TRP D 148 4.29 -11.80 -5.21
C TRP D 148 5.33 -10.75 -5.66
N HIS D 149 4.91 -9.77 -6.47
CA HIS D 149 5.80 -8.70 -6.91
C HIS D 149 6.42 -7.95 -5.71
N MET D 150 5.60 -7.61 -4.70
CA MET D 150 6.12 -6.93 -3.52
C MET D 150 7.03 -7.87 -2.70
N ARG D 151 6.65 -9.15 -2.58
CA ARG D 151 7.47 -10.12 -1.85
C ARG D 151 8.87 -10.26 -2.45
N CYS D 152 8.96 -10.24 -3.79
CA CYS D 152 10.27 -10.33 -4.45
C CYS D 152 11.14 -9.11 -4.11
N LYS D 153 10.55 -7.90 -4.14
CA LYS D 153 11.29 -6.68 -3.79
C LYS D 153 11.72 -6.68 -2.33
N ILE D 154 10.87 -7.22 -1.44
CA ILE D 154 11.22 -7.27 -0.02
C ILE D 154 12.37 -8.24 0.21
N ALA D 155 12.34 -9.39 -0.47
CA ALA D 155 13.42 -10.39 -0.32
C ALA D 155 14.76 -9.78 -0.81
N GLN D 156 14.72 -9.04 -1.93
CA GLN D 156 15.90 -8.37 -2.48
C GLN D 156 16.45 -7.31 -1.51
N GLY D 157 15.56 -6.49 -0.96
CA GLY D 157 15.94 -5.43 -0.02
C GLY D 157 16.55 -5.99 1.25
N ALA D 158 15.93 -7.02 1.82
CA ALA D 158 16.46 -7.69 3.01
C ALA D 158 17.85 -8.29 2.74
N ALA D 159 18.06 -8.91 1.56
CA ALA D 159 19.37 -9.47 1.21
C ALA D 159 20.40 -8.33 1.08
N ASN D 160 19.99 -7.16 0.57
CA ASN D 160 20.90 -6.02 0.44
C ASN D 160 21.32 -5.52 1.83
N GLY D 161 20.41 -5.52 2.78
CA GLY D 161 20.71 -5.13 4.16
C GLY D 161 21.67 -6.08 4.85
N ILE D 162 21.43 -7.39 4.68
CA ILE D 162 22.35 -8.39 5.25
C ILE D 162 23.72 -8.28 4.57
N ASN D 163 23.75 -8.02 3.25
CA ASN D 163 25.01 -7.85 2.54
C ASN D 163 25.82 -6.67 3.13
N PHE D 164 25.14 -5.55 3.42
CA PHE D 164 25.81 -4.39 4.01
C PHE D 164 26.42 -4.76 5.38
N LEU D 165 25.67 -5.52 6.19
CA LEU D 165 26.15 -5.96 7.50
C LEU D 165 27.39 -6.86 7.38
N HIS D 166 27.33 -7.88 6.50
CA HIS D 166 28.46 -8.80 6.29
C HIS D 166 29.68 -8.09 5.68
N GLU D 167 29.45 -7.11 4.80
CA GLU D 167 30.54 -6.29 4.21
C GLU D 167 31.23 -5.47 5.31
N ASN D 168 30.46 -5.02 6.29
CA ASN D 168 30.98 -4.27 7.44
C ASN D 168 31.37 -5.16 8.62
N HIS D 169 31.61 -6.45 8.35
CA HIS D 169 32.09 -7.45 9.31
C HIS D 169 31.22 -7.60 10.56
N HIS D 170 29.89 -7.63 10.37
CA HIS D 170 28.98 -7.84 11.48
C HIS D 170 28.11 -9.05 11.17
N ILE D 171 27.85 -9.86 12.20
CA ILE D 171 26.96 -11.02 12.13
C ILE D 171 25.71 -10.60 12.90
N HIS D 172 24.53 -10.69 12.31
CA HIS D 172 23.30 -10.25 12.97
C HIS D 172 22.90 -11.14 14.14
N ARG D 173 22.86 -12.47 13.91
CA ARG D 173 22.53 -13.53 14.90
C ARG D 173 21.03 -13.68 15.21
N ASP D 174 20.17 -12.84 14.59
CA ASP D 174 18.74 -12.97 14.82
C ASP D 174 17.92 -12.55 13.60
N ILE D 175 18.32 -13.02 12.40
CA ILE D 175 17.58 -12.75 11.19
C ILE D 175 16.26 -13.54 11.24
N LYS D 176 15.16 -12.84 11.06
CA LYS D 176 13.81 -13.41 11.09
C LYS D 176 12.83 -12.36 10.57
N SER D 177 11.62 -12.79 10.18
CA SER D 177 10.66 -11.85 9.60
C SER D 177 10.19 -10.76 10.59
N ALA D 178 10.23 -11.01 11.91
CA ALA D 178 9.89 -9.98 12.90
C ALA D 178 10.98 -8.88 12.96
N ASN D 179 12.20 -9.19 12.44
CA ASN D 179 13.33 -8.26 12.37
C ASN D 179 13.56 -7.72 10.96
N ILE D 180 12.50 -7.71 10.11
CA ILE D 180 12.55 -7.08 8.82
C ILE D 180 11.34 -6.15 8.83
N LEU D 181 11.59 -4.86 8.89
CA LEU D 181 10.55 -3.84 8.93
C LEU D 181 10.27 -3.27 7.55
N LEU D 182 9.12 -2.61 7.37
CA LEU D 182 8.69 -2.15 6.06
C LEU D 182 8.20 -0.72 6.14
N ASP D 183 8.80 0.15 5.33
CA ASP D 183 8.44 1.56 5.32
C ASP D 183 7.21 1.82 4.45
N GLU D 184 6.85 3.09 4.19
CA GLU D 184 5.67 3.41 3.39
C GLU D 184 5.74 2.84 1.95
N ALA D 185 6.93 2.66 1.37
CA ALA D 185 7.05 2.03 0.03
C ALA D 185 7.33 0.52 0.10
N PHE D 186 7.16 -0.08 1.29
CA PHE D 186 7.47 -1.50 1.54
C PHE D 186 8.97 -1.81 1.31
N THR D 187 9.84 -0.82 1.56
CA THR D 187 11.28 -1.03 1.52
C THR D 187 11.62 -1.81 2.79
N ALA D 188 12.37 -2.90 2.63
CA ALA D 188 12.77 -3.77 3.74
C ALA D 188 13.88 -3.11 4.57
N LYS D 189 13.75 -3.13 5.89
CA LYS D 189 14.72 -2.55 6.82
C LYS D 189 15.04 -3.60 7.91
N ILE D 190 16.27 -4.12 7.92
CA ILE D 190 16.70 -5.08 8.95
C ILE D 190 16.73 -4.32 10.28
N SER D 191 16.24 -4.96 11.34
CA SER D 191 16.20 -4.37 12.67
C SER D 191 16.76 -5.31 13.74
N ASP D 192 16.92 -4.79 14.97
CA ASP D 192 17.37 -5.48 16.18
C ASP D 192 18.80 -5.97 16.09
N PHE D 193 19.71 -5.09 16.43
CA PHE D 193 21.15 -5.36 16.41
C PHE D 193 21.74 -5.61 17.81
N GLY D 194 20.90 -5.86 18.81
CA GLY D 194 21.35 -6.10 20.18
C GLY D 194 22.22 -7.32 20.36
N LEU D 195 22.06 -8.33 19.48
CA LEU D 195 22.87 -9.53 19.54
C LEU D 195 23.99 -9.55 18.49
N ALA D 196 24.10 -8.51 17.63
CA ALA D 196 25.08 -8.48 16.57
C ALA D 196 26.51 -8.58 17.09
N ARG D 197 27.38 -9.26 16.34
CA ARG D 197 28.78 -9.43 16.74
C ARG D 197 29.70 -9.00 15.62
N ALA D 198 30.79 -8.30 15.96
CA ALA D 198 31.79 -7.93 14.96
C ALA D 198 32.69 -9.15 14.72
N SER D 199 33.16 -9.36 13.48
CA SER D 199 34.04 -10.49 13.17
C SER D 199 35.18 -10.01 12.31
N GLU D 200 36.43 -10.18 12.77
CA GLU D 200 37.60 -9.75 12.00
C GLU D 200 37.81 -10.63 10.75
N TPO D 205 35.33 -18.60 12.46
CA TPO D 205 34.27 -19.12 13.33
CB TPO D 205 33.73 -20.45 12.78
CG2 TPO D 205 32.56 -20.91 13.65
OG1 TPO D 205 33.26 -20.23 11.42
P TPO D 205 33.95 -21.22 10.46
O1P TPO D 205 33.27 -21.10 9.11
O2P TPO D 205 35.45 -20.88 10.32
O3P TPO D 205 33.86 -22.65 10.98
C TPO D 205 34.72 -19.28 14.79
O TPO D 205 35.68 -20.00 15.06
N VAL D 206 34.04 -18.60 15.71
CA VAL D 206 34.31 -18.65 17.14
C VAL D 206 33.10 -19.25 17.90
N MET D 207 33.27 -19.61 19.17
CA MET D 207 32.17 -20.16 19.98
C MET D 207 31.78 -19.20 21.09
N TPO D 208 30.53 -19.26 21.51
CA TPO D 208 30.04 -18.45 22.62
CB TPO D 208 28.97 -17.42 22.24
CG2 TPO D 208 27.71 -18.06 21.61
OG1 TPO D 208 28.52 -16.65 23.39
P TPO D 208 29.47 -15.49 23.96
O1P TPO D 208 28.49 -14.39 24.29
O2P TPO D 208 30.19 -16.04 25.13
O3P TPO D 208 30.50 -14.88 22.99
C TPO D 208 29.45 -19.39 23.66
O TPO D 208 28.97 -20.47 23.32
N SEP D 209 29.48 -18.98 24.92
CA SEP D 209 28.91 -19.79 25.99
CB SEP D 209 29.81 -19.83 27.22
OG SEP D 209 29.86 -18.47 27.72
C SEP D 209 27.49 -19.34 26.31
O SEP D 209 26.84 -19.95 27.16
P SEP D 209 30.70 -18.38 29.02
O1P SEP D 209 30.20 -19.36 30.10
O2P SEP D 209 30.55 -16.94 29.52
O3P SEP D 209 32.15 -18.66 28.67
N ARG D 210 26.98 -18.30 25.64
CA ARG D 210 25.62 -17.84 25.84
C ARG D 210 24.90 -17.98 24.49
N ILE D 211 24.23 -19.11 24.27
CA ILE D 211 23.54 -19.36 23.01
C ILE D 211 22.28 -18.54 22.92
N VAL D 212 22.23 -17.65 21.93
CA VAL D 212 21.11 -16.74 21.73
C VAL D 212 20.57 -16.82 20.29
N GLY D 213 19.35 -16.36 20.11
CA GLY D 213 18.69 -16.37 18.82
C GLY D 213 17.28 -16.91 18.94
N THR D 214 16.61 -17.09 17.79
CA THR D 214 15.25 -17.60 17.79
C THR D 214 15.29 -19.01 17.20
N THR D 215 15.02 -20.03 18.03
CA THR D 215 15.14 -21.44 17.68
C THR D 215 14.66 -21.84 16.28
N ALA D 216 13.43 -21.42 15.90
CA ALA D 216 12.83 -21.80 14.61
C ALA D 216 13.60 -21.29 13.38
N TYR D 217 14.49 -20.32 13.56
CA TYR D 217 15.28 -19.78 12.46
C TYR D 217 16.78 -20.15 12.54
N MET D 218 17.20 -20.81 13.61
CA MET D 218 18.63 -21.05 13.83
C MET D 218 19.21 -22.23 13.08
N ALA D 219 20.38 -21.99 12.53
CA ALA D 219 21.20 -23.01 11.88
C ALA D 219 21.69 -24.01 12.94
N PRO D 220 21.96 -25.27 12.56
CA PRO D 220 22.46 -26.24 13.56
C PRO D 220 23.71 -25.77 14.31
N GLU D 221 24.67 -25.15 13.61
CA GLU D 221 25.90 -24.71 14.26
C GLU D 221 25.64 -23.54 15.23
N ALA D 222 24.62 -22.69 14.95
CA ALA D 222 24.27 -21.60 15.86
C ALA D 222 23.63 -22.17 17.14
N LEU D 223 22.83 -23.24 17.01
CA LEU D 223 22.25 -23.92 18.17
C LEU D 223 23.34 -24.56 19.06
N ARG D 224 24.53 -24.82 18.49
CA ARG D 224 25.65 -25.38 19.23
C ARG D 224 26.59 -24.33 19.83
N GLY D 225 26.35 -23.05 19.55
CA GLY D 225 27.18 -21.99 20.08
C GLY D 225 28.16 -21.38 19.11
N GLU D 226 28.16 -21.81 17.83
CA GLU D 226 29.08 -21.22 16.85
C GLU D 226 28.56 -19.86 16.44
N ILE D 227 29.49 -18.93 16.18
CA ILE D 227 29.16 -17.59 15.71
C ILE D 227 29.83 -17.42 14.35
N THR D 228 29.02 -17.35 13.28
CA THR D 228 29.50 -17.26 11.90
C THR D 228 28.44 -16.57 11.02
N PRO D 229 28.86 -15.76 10.03
CA PRO D 229 27.87 -15.17 9.11
C PRO D 229 27.09 -16.22 8.31
N LYS D 230 27.61 -17.45 8.21
CA LYS D 230 26.90 -18.53 7.52
C LYS D 230 25.56 -18.86 8.20
N SER D 231 25.45 -18.59 9.53
CA SER D 231 24.20 -18.84 10.24
C SER D 231 23.13 -17.81 9.85
N ASP D 232 23.54 -16.55 9.54
CA ASP D 232 22.58 -15.54 9.07
C ASP D 232 21.95 -16.00 7.73
N ILE D 233 22.76 -16.66 6.88
CA ILE D 233 22.26 -17.14 5.58
C ILE D 233 21.18 -18.19 5.79
N TYR D 234 21.42 -19.13 6.70
CA TYR D 234 20.44 -20.17 7.04
C TYR D 234 19.11 -19.54 7.52
N SER D 235 19.19 -18.61 8.46
CA SER D 235 18.00 -17.92 8.97
C SER D 235 17.27 -17.16 7.85
N PHE D 236 18.02 -16.55 6.93
CA PHE D 236 17.41 -15.88 5.77
C PHE D 236 16.65 -16.90 4.88
N GLY D 237 17.12 -18.14 4.80
CA GLY D 237 16.45 -19.20 4.07
C GLY D 237 15.08 -19.48 4.65
N VAL D 238 14.97 -19.48 6.00
CA VAL D 238 13.69 -19.68 6.67
C VAL D 238 12.76 -18.49 6.32
N VAL D 239 13.29 -17.27 6.32
CA VAL D 239 12.49 -16.08 5.92
C VAL D 239 11.95 -16.23 4.51
N LEU D 240 12.79 -16.74 3.57
CA LEU D 240 12.32 -16.95 2.20
C LEU D 240 11.16 -17.96 2.14
N LEU D 241 11.21 -19.03 2.97
CA LEU D 241 10.06 -19.97 3.04
C LEU D 241 8.83 -19.27 3.58
N GLU D 242 8.99 -18.37 4.58
CA GLU D 242 7.83 -17.61 5.09
C GLU D 242 7.25 -16.73 3.98
N ILE D 243 8.10 -16.12 3.17
CA ILE D 243 7.63 -15.26 2.07
C ILE D 243 6.84 -16.07 1.02
N ILE D 244 7.35 -17.27 0.66
CA ILE D 244 6.68 -18.08 -0.34
C ILE D 244 5.31 -18.61 0.14
N THR D 245 5.28 -19.07 1.39
CA THR D 245 4.14 -19.81 1.95
C THR D 245 3.16 -18.98 2.75
N GLY D 246 3.63 -17.86 3.29
CA GLY D 246 2.85 -17.04 4.21
C GLY D 246 2.69 -17.69 5.59
N LEU D 247 3.40 -18.79 5.86
CA LEU D 247 3.31 -19.53 7.11
C LEU D 247 4.36 -19.05 8.11
N PRO D 248 4.04 -19.06 9.41
CA PRO D 248 5.05 -18.69 10.41
C PRO D 248 6.12 -19.79 10.52
N ALA D 249 7.35 -19.41 10.90
CA ALA D 249 8.48 -20.35 11.06
C ALA D 249 8.18 -21.47 12.03
N VAL D 250 7.35 -21.21 13.05
CA VAL D 250 6.95 -22.25 13.99
C VAL D 250 5.45 -22.11 14.31
N ASP D 251 4.76 -23.23 14.42
CA ASP D 251 3.35 -23.30 14.78
C ASP D 251 3.22 -24.63 15.49
N GLU D 252 3.05 -24.58 16.84
CA GLU D 252 2.98 -25.80 17.62
C GLU D 252 1.73 -26.63 17.33
N HIS D 253 0.71 -26.03 16.68
CA HIS D 253 -0.50 -26.77 16.31
C HIS D 253 -0.51 -27.14 14.82
N ARG D 254 0.66 -27.24 14.20
CA ARG D 254 0.78 -27.58 12.78
C ARG D 254 1.74 -28.76 12.61
N GLU D 255 1.56 -29.52 11.52
CA GLU D 255 2.48 -30.61 11.16
C GLU D 255 2.96 -30.25 9.75
N PRO D 256 4.26 -29.93 9.56
CA PRO D 256 5.34 -29.94 10.56
C PRO D 256 5.30 -28.67 11.41
N GLN D 257 5.75 -28.77 12.67
CA GLN D 257 5.76 -27.61 13.54
C GLN D 257 6.74 -26.55 13.04
N LEU D 258 7.90 -27.00 12.55
CA LEU D 258 8.93 -26.08 12.04
C LEU D 258 8.84 -26.00 10.54
N LEU D 259 8.67 -24.76 10.01
CA LEU D 259 8.58 -24.53 8.59
C LEU D 259 9.78 -25.06 7.81
N LEU D 260 11.00 -24.99 8.40
CA LEU D 260 12.21 -25.46 7.71
C LEU D 260 12.12 -26.97 7.31
N ASP D 261 11.25 -27.74 7.99
CA ASP D 261 11.05 -29.15 7.67
C ASP D 261 10.36 -29.39 6.32
N ILE D 262 9.73 -28.35 5.69
CA ILE D 262 9.11 -28.57 4.38
C ILE D 262 10.16 -28.82 3.30
N LYS D 263 11.41 -28.34 3.50
CA LYS D 263 12.50 -28.61 2.56
C LYS D 263 12.71 -30.13 2.43
N GLU D 264 12.67 -30.85 3.54
CA GLU D 264 12.84 -32.30 3.52
C GLU D 264 11.64 -33.00 2.90
N GLU D 265 10.41 -32.51 3.15
CA GLU D 265 9.22 -33.09 2.54
C GLU D 265 9.25 -32.96 1.03
N ILE D 266 9.71 -31.81 0.52
CA ILE D 266 9.83 -31.57 -0.92
C ILE D 266 10.96 -32.41 -1.52
N GLU D 267 12.12 -32.45 -0.86
CA GLU D 267 13.26 -33.26 -1.32
C GLU D 267 13.00 -34.76 -1.29
N ASP D 268 12.49 -35.28 -0.17
CA ASP D 268 12.34 -36.71 0.04
C ASP D 268 10.89 -37.17 -0.05
N GLU D 269 10.00 -36.69 0.82
CA GLU D 269 8.60 -37.10 0.80
C GLU D 269 7.85 -36.62 -0.49
N GLU D 270 6.53 -36.82 -0.55
CA GLU D 270 5.78 -36.54 -1.77
C GLU D 270 5.14 -35.15 -1.85
N LYS D 271 5.73 -34.10 -1.20
CA LYS D 271 5.14 -32.75 -1.38
C LYS D 271 5.95 -31.90 -2.37
N THR D 272 5.32 -30.88 -2.95
CA THR D 272 5.97 -29.97 -3.89
C THR D 272 5.88 -28.53 -3.32
N ILE D 273 6.70 -27.59 -3.86
CA ILE D 273 6.60 -26.19 -3.40
C ILE D 273 5.20 -25.62 -3.75
N GLU D 274 4.56 -26.11 -4.85
CA GLU D 274 3.21 -25.67 -5.24
C GLU D 274 2.18 -26.00 -4.16
N ASP D 275 2.37 -27.12 -3.44
CA ASP D 275 1.45 -27.49 -2.34
C ASP D 275 1.51 -26.48 -1.18
N TYR D 276 2.64 -25.75 -1.04
CA TYR D 276 2.85 -24.82 0.05
C TYR D 276 2.75 -23.34 -0.32
N ILE D 277 2.68 -23.00 -1.63
CA ILE D 277 2.60 -21.58 -2.05
C ILE D 277 1.42 -20.87 -1.38
N ASP D 278 1.64 -19.65 -0.85
CA ASP D 278 0.59 -18.86 -0.22
C ASP D 278 -0.57 -18.65 -1.21
N LYS D 279 -1.77 -19.09 -0.83
CA LYS D 279 -2.94 -18.89 -1.69
C LYS D 279 -3.44 -17.43 -1.73
N LYS D 280 -2.91 -16.56 -0.82
CA LYS D 280 -3.31 -15.16 -0.71
C LYS D 280 -2.59 -14.25 -1.71
N MET D 281 -2.23 -14.80 -2.87
CA MET D 281 -1.59 -14.03 -3.96
C MET D 281 -2.25 -14.46 -5.26
N ASN D 282 -2.31 -13.56 -6.25
CA ASN D 282 -2.85 -13.92 -7.59
C ASN D 282 -1.78 -13.74 -8.71
N ASP D 283 -0.58 -13.23 -8.37
CA ASP D 283 0.45 -12.91 -9.36
C ASP D 283 1.74 -13.71 -9.22
N ALA D 284 1.72 -14.85 -8.52
CA ALA D 284 2.94 -15.66 -8.31
C ALA D 284 3.20 -16.67 -9.44
N ASP D 285 4.05 -16.32 -10.43
CA ASP D 285 4.34 -17.28 -11.51
C ASP D 285 5.21 -18.44 -11.00
N SER D 286 4.97 -19.68 -11.50
CA SER D 286 5.74 -20.86 -11.07
C SER D 286 7.25 -20.70 -11.21
N THR D 287 7.71 -20.10 -12.30
CA THR D 287 9.14 -19.93 -12.57
C THR D 287 9.87 -19.13 -11.48
N SER D 288 9.37 -17.92 -11.14
CA SER D 288 10.04 -17.10 -10.12
C SER D 288 9.86 -17.67 -8.71
N VAL D 289 8.73 -18.37 -8.44
CA VAL D 289 8.53 -19.03 -7.15
C VAL D 289 9.56 -20.16 -7.00
N GLU D 290 9.75 -20.96 -8.07
CA GLU D 290 10.74 -22.02 -8.04
C GLU D 290 12.16 -21.45 -7.87
N ALA D 291 12.44 -20.29 -8.46
CA ALA D 291 13.74 -19.62 -8.32
C ALA D 291 13.95 -19.15 -6.87
N MET D 292 12.90 -18.58 -6.23
CA MET D 292 13.05 -18.16 -4.82
C MET D 292 13.22 -19.40 -3.94
N TYR D 293 12.45 -20.47 -4.21
CA TYR D 293 12.58 -21.71 -3.44
C TYR D 293 13.99 -22.29 -3.56
N SER D 294 14.57 -22.29 -4.76
CA SER D 294 15.92 -22.78 -4.98
C SER D 294 16.94 -21.99 -4.13
N VAL D 295 16.79 -20.67 -4.03
CA VAL D 295 17.66 -19.84 -3.17
C VAL D 295 17.47 -20.27 -1.70
N ALA D 296 16.21 -20.40 -1.26
CA ALA D 296 15.91 -20.80 0.12
C ALA D 296 16.51 -22.18 0.44
N SER D 297 16.36 -23.16 -0.48
CA SER D 297 16.90 -24.51 -0.30
C SER D 297 18.42 -24.46 -0.14
N GLN D 298 19.09 -23.64 -0.96
CA GLN D 298 20.55 -23.48 -0.88
C GLN D 298 20.99 -22.87 0.46
N CYS D 299 20.26 -21.84 0.92
CA CYS D 299 20.51 -21.19 2.22
C CYS D 299 20.38 -22.18 3.38
N LEU D 300 19.44 -23.12 3.26
CA LEU D 300 19.10 -24.09 4.30
C LEU D 300 19.93 -25.36 4.29
N HIS D 301 21.08 -25.36 3.59
CA HIS D 301 21.94 -26.55 3.60
C HIS D 301 22.40 -26.79 5.06
N GLU D 302 22.27 -28.01 5.56
CA GLU D 302 22.65 -28.30 6.94
C GLU D 302 24.15 -28.05 7.20
N LYS D 303 24.99 -28.26 6.19
CA LYS D 303 26.44 -28.02 6.28
C LYS D 303 26.70 -26.55 5.96
N LYS D 304 27.20 -25.79 6.93
CA LYS D 304 27.42 -24.36 6.76
C LYS D 304 28.33 -23.96 5.59
N ASN D 305 29.35 -24.77 5.27
CA ASN D 305 30.26 -24.46 4.18
C ASN D 305 29.66 -24.68 2.78
N LYS D 306 28.52 -25.39 2.68
CA LYS D 306 27.84 -25.62 1.41
C LYS D 306 26.79 -24.54 1.08
N ARG D 307 26.50 -23.63 2.02
CA ARG D 307 25.53 -22.56 1.79
C ARG D 307 26.18 -21.47 0.94
N PRO D 308 25.38 -20.76 0.12
CA PRO D 308 25.95 -19.63 -0.62
C PRO D 308 26.28 -18.47 0.35
N ASP D 309 27.20 -17.57 -0.02
CA ASP D 309 27.42 -16.38 0.81
C ASP D 309 26.33 -15.33 0.45
N ILE D 310 26.21 -14.23 1.21
CA ILE D 310 25.17 -13.23 0.94
C ILE D 310 25.27 -12.59 -0.45
N LYS D 311 26.49 -12.45 -1.02
CA LYS D 311 26.65 -11.87 -2.35
C LYS D 311 26.00 -12.76 -3.41
N LYS D 312 26.16 -14.07 -3.27
CA LYS D 312 25.57 -15.05 -4.18
C LYS D 312 24.02 -15.03 -4.03
N VAL D 313 23.53 -14.92 -2.80
CA VAL D 313 22.08 -14.85 -2.54
C VAL D 313 21.49 -13.60 -3.24
N GLN D 314 22.16 -12.45 -3.12
CA GLN D 314 21.75 -11.20 -3.77
C GLN D 314 21.66 -11.38 -5.29
N GLN D 315 22.67 -12.01 -5.88
CA GLN D 315 22.76 -12.25 -7.31
C GLN D 315 21.63 -13.15 -7.77
N LEU D 316 21.37 -14.25 -7.05
CA LEU D 316 20.29 -15.15 -7.42
C LEU D 316 18.92 -14.47 -7.30
N LEU D 317 18.71 -13.65 -6.26
CA LEU D 317 17.43 -12.93 -6.11
C LEU D 317 17.25 -11.86 -7.19
N GLN D 318 18.35 -11.26 -7.66
CA GLN D 318 18.28 -10.30 -8.77
C GLN D 318 17.94 -11.02 -10.07
N GLU D 319 18.56 -12.18 -10.34
CA GLU D 319 18.29 -12.97 -11.55
C GLU D 319 16.85 -13.48 -11.59
N MET D 320 16.23 -13.70 -10.42
CA MET D 320 14.87 -14.17 -10.25
C MET D 320 13.85 -13.20 -10.91
N THR D 321 14.12 -11.89 -10.86
CA THR D 321 13.22 -10.89 -11.45
C THR D 321 13.76 -10.19 -12.70
N ALA D 322 14.94 -10.60 -13.19
CA ALA D 322 15.54 -9.96 -14.37
C ALA D 322 14.93 -10.49 -15.67
C4 A1AFH E . -21.63 -18.83 -7.54
C7 A1AFH E . -18.96 -18.21 -6.93
C6 A1AFH E . -19.50 -19.49 -6.61
C9 A1AFH E . -16.88 -18.85 -5.91
C13 A1AFH E . -18.49 -22.55 -4.78
C21 A1AFH E . -19.81 -17.26 -7.54
C8 A1AFH E . -17.62 -17.91 -6.58
C18 A1AFH E . -21.83 -23.21 -4.88
C16 A1AFH E . -19.94 -24.43 -5.70
C1 A1AFH E . -22.99 -21.24 -8.61
C2 A1AFH E . -23.70 -20.20 -7.86
O3 A1AFH E . -22.98 -18.97 -7.77
C5 A1AFH E . -20.83 -19.78 -6.99
N10 A1AFH E . -17.33 -20.06 -5.55
C11 A1AFH E . -18.63 -20.37 -5.91
O12 A1AFH E . -19.17 -21.56 -5.58
C14 A1AFH E . -19.54 -23.61 -4.47
C17 A1AFH E . -21.35 -23.99 -6.08
O19 A1AFH E . -22.95 -22.73 -4.72
N20 A1AFH E . -20.81 -23.06 -4.03
C22 A1AFH E . -21.13 -17.54 -7.83
C23 A1AFH E . -21.94 -16.40 -8.39
O24 A1AFH E . -23.20 -16.46 -8.41
N25 A1AFH E . -21.31 -15.39 -8.95
H33 A1AFH E . -15.85 -18.67 -5.63
H34 A1AFH E . -17.63 -22.95 -5.31
H35 A1AFH E . -18.11 -22.12 -3.85
H41 A1AFH E . -19.34 -16.29 -7.71
H32 A1AFH E . -17.20 -16.94 -6.85
H36 A1AFH E . -19.26 -24.28 -6.55
H37 A1AFH E . -19.89 -25.50 -5.50
H27 A1AFH E . -23.67 -21.76 -9.28
H26 A1AFH E . -22.59 -21.98 -7.93
H28 A1AFH E . -22.17 -20.87 -9.22
H30 A1AFH E . -23.95 -20.56 -6.87
H29 A1AFH E . -24.66 -19.98 -8.35
H31 A1AFH E . -21.17 -20.79 -6.81
H15 A1AFH E . -19.14 -24.29 -3.71
H38 A1AFH E . -21.33 -23.41 -6.99
H39 A1AFH E . -22.02 -24.82 -6.28
H40 A1AFH E . -20.86 -22.60 -3.12
H43 A1AFH E . -21.85 -14.61 -9.29
H42 A1AFH E . -20.30 -15.28 -9.08
C4 A1AFH F . 25.14 10.16 -11.62
C7 A1AFH F . 22.36 9.84 -11.58
C6 A1AFH F . 22.94 11.03 -12.10
C9 A1AFH F . 20.17 10.74 -12.03
C13 A1AFH F . 21.81 14.31 -13.42
C21 A1AFH F . 23.21 8.83 -11.07
C8 A1AFH F . 20.94 9.71 -11.55
C18 A1AFH F . 25.07 15.13 -13.07
C16 A1AFH F . 23.67 15.04 -15.03
C1 A1AFH F . 27.02 11.15 -13.75
C2 A1AFH F . 27.40 11.05 -12.30
O3 A1AFH F . 26.50 10.23 -11.52
C5 A1AFH F . 24.34 11.15 -12.11
N10 A1AFH F . 20.66 11.89 -12.52
C11 A1AFH F . 22.01 12.03 -12.54
O12 A1AFH F . 22.58 13.17 -12.99
C14 A1AFH F . 22.82 15.38 -13.78
C17 A1AFH F . 25.06 14.66 -14.49
O19 A1AFH F . 26.02 15.10 -12.29
N20 A1AFH F . 23.83 15.56 -12.76
C22 A1AFH F . 24.59 8.98 -11.08
C23 A1AFH F . 25.37 7.90 -10.39
O24 A1AFH F . 26.60 8.10 -10.07
N25 A1AFH F . 24.78 6.74 -10.14
H33 A1AFH F . 19.08 10.68 -12.03
H34 A1AFH F . 21.16 14.05 -14.25
H35 A1AFH F . 21.17 14.65 -12.62
H41 A1AFH F . 22.69 7.98 -10.67
H32 A1AFH F . 20.49 8.81 -11.16
H36 A1AFH F . 23.23 14.21 -15.60
H37 A1AFH F . 23.70 15.86 -15.73
H27 A1AFH F . 27.67 11.84 -14.28
H26 A1AFH F . 26.00 11.50 -13.94
H28 A1AFH F . 27.10 10.20 -14.26
H30 A1AFH F . 27.44 12.05 -11.87
H29 A1AFH F . 28.40 10.63 -12.21
H31 A1AFH F . 24.72 12.11 -12.42
H15 A1AFH F . 22.30 16.33 -13.95
H38 A1AFH F . 25.27 13.60 -14.58
H39 A1AFH F . 25.87 15.15 -15.05
H40 A1AFH F . 23.57 15.98 -11.86
H43 A1AFH F . 25.30 6.04 -9.64
H42 A1AFH F . 23.84 6.45 -10.40
C4 A1AFH G . -14.07 10.57 4.72
C7 A1AFH G . -11.38 11.29 4.41
C6 A1AFH G . -12.40 12.13 3.91
C9 A1AFH G . -9.74 12.86 3.63
C13 A1AFH G . -12.72 15.18 1.84
C21 A1AFH G . -11.75 10.08 5.05
C8 A1AFH G . -10.02 11.69 4.25
C18 A1AFH G . -15.93 14.14 1.53
C16 A1AFH G . -15.00 16.18 2.38
C1 A1AFH G . -16.56 12.07 5.32
C2 A1AFH G . -16.58 10.78 4.67
O3 A1AFH G . -15.33 10.05 4.79
C5 A1AFH G . -13.75 11.75 4.12
N10 A1AFH G . -10.67 13.68 3.10
C11 A1AFH G . -11.97 13.31 3.23
O12 A1AFH G . -12.95 14.02 2.64
C14 A1AFH G . -14.08 15.59 1.31
C17 A1AFH G . -16.07 15.12 2.66
O19 A1AFH G . -16.65 13.16 1.32
N20 A1AFH G . -14.85 14.46 0.81
C22 A1AFH G . -13.06 9.71 5.20
C23 A1AFH G . -13.32 8.35 5.80
O24 A1AFH G . -14.45 7.79 5.69
N25 A1AFH G . -12.33 7.80 6.50
H33 A1AFH G . -8.72 13.23 3.53
H34 A1AFH G . -12.23 15.97 2.40
H35 A1AFH G . -12.05 14.94 1.01
H41 A1AFH G . -10.90 9.48 5.39
H32 A1AFH G . -9.23 11.04 4.65
H36 A1AFH G . -14.45 16.43 3.30
H37 A1AFH G . -15.42 17.14 2.07
H27 A1AFH G . -17.49 12.23 5.86
H26 A1AFH G . -16.46 12.87 4.61
H28 A1AFH G . -15.76 12.19 6.06
H30 A1AFH G . -16.80 10.91 3.62
H29 A1AFH G . -17.37 10.15 5.08
H31 A1AFH G . -14.50 12.46 3.78
H15 A1AFH G . -13.95 16.32 0.51
H38 A1AFH G . -15.91 14.70 3.65
H39 A1AFH G . -17.09 15.52 2.68
H40 A1AFH G . -14.55 13.96 -0.02
H43 A1AFH G . -12.47 6.86 6.86
H42 A1AFH G . -11.43 8.20 6.75
C4 A1AFH H . 10.05 -1.19 15.04
C7 A1AFH H . 7.57 -2.34 14.44
C6 A1AFH H . 8.53 -3.06 15.18
C9 A1AFH H . 6.10 -4.23 14.57
C13 A1AFH H . 9.06 -6.52 16.42
C21 A1AFH H . 7.89 -1.04 14.00
C8 A1AFH H . 6.32 -2.95 14.15
C18 A1AFH H . 12.29 -5.52 16.50
C16 A1AFH H . 10.84 -6.31 18.24
C1 A1AFH H . 11.95 -1.40 17.41
C2 A1AFH H . 12.36 -1.03 16.00
O3 A1AFH H . 11.27 -0.60 15.16
C5 A1AFH H . 9.77 -2.45 15.47
N10 A1AFH H . 7.01 -4.99 15.21
C11 A1AFH H . 8.19 -4.41 15.50
O12 A1AFH H . 9.18 -5.12 16.11
C14 A1AFH H . 10.44 -6.95 16.88
C17 A1AFH H . 11.84 -5.20 17.90
O19 A1AFH H . 13.20 -4.96 15.88
N20 A1AFH H . 11.50 -6.49 16.00
C22 A1AFH H . 9.11 -0.47 14.29
C23 A1AFH H . 9.34 0.90 13.72
O24 A1AFH H . 10.51 1.37 13.63
N25 A1AFH H . 8.29 1.62 13.38
H33 A1AFH H . 5.14 -4.73 14.39
H34 A1AFH H . 8.29 -6.69 17.16
H35 A1AFH H . 8.76 -7.08 15.53
H41 A1AFH H . 7.13 -0.56 13.39
H32 A1AFH H . 5.57 -2.38 13.59
H36 A1AFH H . 9.97 -5.92 18.77
H37 A1AFH H . 11.25 -7.06 18.91
H27 A1AFH H . 12.10 -0.55 18.08
H26 A1AFH H . 12.55 -2.21 17.81
H28 A1AFH H . 10.90 -1.69 17.54
H30 A1AFH H . 12.85 -1.89 15.54
H29 A1AFH H . 13.09 -0.23 16.03
H31 A1AFH H . 10.47 -3.07 16.01
H15 A1AFH H . 10.47 -8.04 16.97
H38 A1AFH H . 11.39 -4.21 17.97
H39 A1AFH H . 12.69 -5.18 18.57
H40 A1AFH H . 11.61 -6.91 15.08
H43 A1AFH H . 8.45 2.53 12.96
H42 A1AFH H . 7.32 1.38 13.48
#